data_4ZDB
#
_entry.id   4ZDB
#
_cell.length_a   116.937
_cell.length_b   116.937
_cell.length_c   218.632
_cell.angle_alpha   90.00
_cell.angle_beta   90.00
_cell.angle_gamma   90.00
#
_symmetry.space_group_name_H-M   'P 41 21 2'
#
loop_
_entity.id
_entity.type
_entity.pdbx_description
1 polymer '3,2-trans-enoyl-CoA isomerase'
2 non-polymer 'SULFATE ION'
3 non-polymer 'ACETOACETYL-COENZYME A'
4 non-polymer GLYCEROL
5 water water
#
_entity_poly.entity_id   1
_entity_poly.type   'polypeptide(L)'
_entity_poly.pdbx_seq_one_letter_code
;MGSSHHHHHHSSGLVPRGSHMSQEIRQNEKISYRIEGPFFIIHLINPDNLNALEGEDYIYLGELLELADRNRDVYFTIIQ
SSGRFFSSGADFKGIAKAQGDDTNKYPSETSKWVSNFVARNVYVTDAFIKHSKVLICCLNGPAIGLSAALVALCDIVYSI
NDKVYLLYPFANLGLITEGGTTVSLPLKFGTNTTYECLMFNKPFKYDIM(CME)ENGFISKNFNMPSSNAEAFNAKVLEE
LREKVKGLYLPSCLGMKKLLKSNHIDAFNKANSVEVNESLKYWVDGEPLKRFRQLGSKQRKHRL
;
_entity_poly.pdbx_strand_id   A,B,C
#
loop_
_chem_comp.id
_chem_comp.type
_chem_comp.name
_chem_comp.formula
CAA non-polymer 'ACETOACETYL-COENZYME A' 'C25 H40 N7 O18 P3 S'
GOL non-polymer GLYCEROL 'C3 H8 O3'
SO4 non-polymer 'SULFATE ION' 'O4 S -2'
#
# COMPACT_ATOMS: atom_id res chain seq x y z
N GLU A 24 36.38 -3.63 -12.84
CA GLU A 24 36.74 -3.02 -14.16
C GLU A 24 35.67 -3.26 -15.22
N ILE A 25 35.43 -2.23 -16.01
CA ILE A 25 34.33 -2.18 -16.97
C ILE A 25 34.69 -1.13 -18.03
N ARG A 26 34.14 -1.23 -19.22
CA ARG A 26 34.35 -0.20 -20.23
CA ARG A 26 34.34 -0.20 -20.23
C ARG A 26 33.94 1.18 -19.69
N GLN A 27 34.42 2.20 -20.37
CA GLN A 27 34.04 3.57 -20.05
C GLN A 27 32.82 3.94 -20.86
N ASN A 28 32.07 4.89 -20.33
CA ASN A 28 30.92 5.40 -21.00
C ASN A 28 30.95 6.89 -20.77
N GLU A 29 30.93 7.65 -21.85
CA GLU A 29 31.06 9.12 -21.75
C GLU A 29 29.81 9.77 -21.16
N LYS A 30 28.70 9.04 -21.11
CA LYS A 30 27.48 9.58 -20.50
C LYS A 30 27.26 9.24 -19.04
N ILE A 31 27.99 8.26 -18.52
CA ILE A 31 27.75 7.79 -17.17
C ILE A 31 29.08 7.41 -16.55
N SER A 32 29.38 7.97 -15.40
CA SER A 32 30.63 7.64 -14.73
C SER A 32 30.30 6.99 -13.39
N TYR A 33 31.32 6.46 -12.73
CA TYR A 33 31.13 5.97 -11.38
C TYR A 33 32.40 6.09 -10.59
N ARG A 34 32.28 6.06 -9.28
CA ARG A 34 33.42 5.93 -8.41
C ARG A 34 32.98 5.33 -7.10
N ILE A 35 33.94 4.90 -6.28
CA ILE A 35 33.66 4.38 -4.97
C ILE A 35 34.29 5.25 -3.88
N GLU A 36 33.51 5.67 -2.89
CA GLU A 36 34.03 6.43 -1.74
C GLU A 36 33.55 5.68 -0.52
N GLY A 37 34.47 5.01 0.15
CA GLY A 37 34.15 4.23 1.34
C GLY A 37 33.11 3.15 1.01
N PRO A 38 32.03 3.11 1.75
CA PRO A 38 30.99 2.11 1.49
C PRO A 38 29.98 2.54 0.37
N PHE A 39 30.25 3.63 -0.35
CA PHE A 39 29.35 4.19 -1.35
C PHE A 39 29.86 3.94 -2.74
N PHE A 40 29.03 3.29 -3.58
CA PHE A 40 29.32 3.17 -5.01
C PHE A 40 28.43 4.22 -5.66
N ILE A 41 29.06 5.21 -6.32
CA ILE A 41 28.38 6.37 -6.79
C ILE A 41 28.35 6.41 -8.28
N ILE A 42 27.14 6.43 -8.84
CA ILE A 42 26.95 6.44 -10.27
C ILE A 42 26.47 7.82 -10.64
N HIS A 43 27.02 8.37 -11.72
CA HIS A 43 26.74 9.74 -12.09
C HIS A 43 26.39 9.88 -13.55
N LEU A 44 25.17 10.31 -13.82
CA LEU A 44 24.75 10.55 -15.18
C LEU A 44 25.27 11.97 -15.52
N ILE A 45 26.08 12.06 -16.57
CA ILE A 45 26.90 13.26 -16.82
C ILE A 45 26.75 13.78 -18.25
N ASN A 46 25.49 13.86 -18.70
CA ASN A 46 25.17 14.37 -20.02
C ASN A 46 24.06 15.38 -19.95
N PRO A 47 24.27 16.44 -19.16
CA PRO A 47 23.22 17.43 -18.93
C PRO A 47 22.78 18.20 -20.18
N ASP A 48 23.63 18.33 -21.18
CA ASP A 48 23.20 19.06 -22.39
C ASP A 48 22.08 18.33 -23.13
N ASN A 49 21.99 17.01 -22.97
N ASN A 49 22.00 17.00 -22.98
CA ASN A 49 20.89 16.26 -23.59
CA ASN A 49 20.92 16.20 -23.59
C ASN A 49 19.89 15.73 -22.55
C ASN A 49 19.89 15.73 -22.55
N LEU A 50 19.82 16.42 -21.42
CA LEU A 50 18.93 16.07 -20.30
C LEU A 50 19.10 14.60 -19.85
N ASN A 51 20.31 14.07 -20.01
CA ASN A 51 20.64 12.74 -19.62
C ASN A 51 19.65 11.70 -20.18
N ALA A 52 19.27 11.91 -21.43
CA ALA A 52 18.54 10.95 -22.19
C ALA A 52 19.46 9.79 -22.43
N LEU A 53 18.91 8.57 -22.39
CA LEU A 53 19.77 7.37 -22.44
C LEU A 53 19.39 6.46 -23.58
N GLU A 54 20.37 5.94 -24.29
CA GLU A 54 20.13 4.94 -25.33
C GLU A 54 20.15 3.55 -24.72
N GLY A 55 19.71 2.57 -25.49
CA GLY A 55 19.64 1.20 -25.03
C GLY A 55 20.92 0.73 -24.36
N GLU A 56 22.04 0.98 -25.01
CA GLU A 56 23.31 0.52 -24.50
C GLU A 56 23.67 1.24 -23.21
N ASP A 57 23.14 2.45 -23.01
CA ASP A 57 23.37 3.14 -21.76
C ASP A 57 22.59 2.49 -20.61
N TYR A 58 21.38 2.03 -20.89
CA TYR A 58 20.61 1.31 -19.87
C TYR A 58 21.31 0.02 -19.49
N ILE A 59 21.83 -0.66 -20.49
CA ILE A 59 22.57 -1.87 -20.23
C ILE A 59 23.80 -1.58 -19.36
N TYR A 60 24.50 -0.50 -19.71
CA TYR A 60 25.64 -0.07 -18.95
C TYR A 60 25.26 0.20 -17.49
N LEU A 61 24.15 0.87 -17.26
CA LEU A 61 23.66 1.07 -15.91
C LEU A 61 23.48 -0.26 -15.14
N GLY A 62 22.88 -1.24 -15.81
CA GLY A 62 22.72 -2.57 -15.22
C GLY A 62 24.06 -3.18 -14.87
N GLU A 63 25.04 -3.04 -15.76
CA GLU A 63 26.35 -3.58 -15.50
C GLU A 63 27.00 -2.92 -14.31
N LEU A 64 26.80 -1.60 -14.19
CA LEU A 64 27.36 -0.90 -13.04
C LEU A 64 26.71 -1.37 -11.75
N LEU A 65 25.38 -1.53 -11.73
CA LEU A 65 24.73 -2.11 -10.56
C LEU A 65 25.31 -3.49 -10.18
N GLU A 66 25.58 -4.31 -11.16
CA GLU A 66 26.06 -5.67 -10.94
C GLU A 66 27.49 -5.64 -10.40
N LEU A 67 28.26 -4.65 -10.83
CA LEU A 67 29.59 -4.42 -10.31
C LEU A 67 29.53 -3.96 -8.87
N ALA A 68 28.66 -3.02 -8.58
CA ALA A 68 28.50 -2.59 -7.22
C ALA A 68 28.04 -3.74 -6.33
N ASP A 69 27.19 -4.61 -6.88
CA ASP A 69 26.58 -5.64 -6.09
C ASP A 69 27.61 -6.69 -5.69
N ARG A 70 28.61 -6.90 -6.52
CA ARG A 70 29.67 -7.88 -6.24
C ARG A 70 30.78 -7.32 -5.36
N ASN A 71 30.77 -6.02 -5.08
CA ASN A 71 31.86 -5.44 -4.29
C ASN A 71 31.52 -5.47 -2.83
N ARG A 72 32.25 -6.31 -2.10
CA ARG A 72 31.97 -6.52 -0.68
C ARG A 72 32.19 -5.29 0.18
N ASP A 73 32.93 -4.29 -0.27
CA ASP A 73 33.07 -3.04 0.52
C ASP A 73 31.89 -2.07 0.34
N VAL A 74 31.10 -2.28 -0.70
CA VAL A 74 29.97 -1.40 -1.00
C VAL A 74 28.74 -1.82 -0.23
N TYR A 75 28.16 -0.87 0.47
CA TYR A 75 26.87 -1.07 1.14
C TYR A 75 25.70 -0.23 0.55
N PHE A 76 26.02 0.81 -0.19
CA PHE A 76 25.05 1.76 -0.73
C PHE A 76 25.45 2.05 -2.15
N THR A 77 24.47 2.03 -3.06
CA THR A 77 24.68 2.38 -4.44
C THR A 77 23.87 3.64 -4.65
N ILE A 78 24.56 4.72 -5.01
CA ILE A 78 23.95 6.04 -5.04
C ILE A 78 23.92 6.50 -6.49
N ILE A 79 22.73 6.83 -6.97
CA ILE A 79 22.59 7.27 -8.36
C ILE A 79 22.32 8.78 -8.39
N GLN A 80 23.20 9.48 -9.08
CA GLN A 80 23.14 10.93 -9.17
C GLN A 80 23.18 11.34 -10.62
N SER A 81 22.65 12.51 -10.90
CA SER A 81 22.65 12.98 -12.26
C SER A 81 23.20 14.44 -12.32
N SER A 82 22.88 15.14 -13.40
CA SER A 82 23.52 16.44 -13.70
C SER A 82 22.53 17.36 -14.40
N GLY A 83 22.69 18.67 -14.16
CA GLY A 83 21.86 19.66 -14.85
C GLY A 83 20.49 19.73 -14.23
N ARG A 84 19.52 20.09 -15.04
CA ARG A 84 18.17 20.37 -14.55
C ARG A 84 17.19 19.20 -14.58
N PHE A 85 17.53 18.17 -15.33
CA PHE A 85 16.79 16.90 -15.38
C PHE A 85 17.61 15.74 -14.79
N PHE A 86 16.94 14.86 -14.07
CA PHE A 86 17.55 13.59 -13.72
C PHE A 86 17.78 12.82 -14.99
N SER A 87 16.73 12.67 -15.80
CA SER A 87 16.84 12.04 -17.10
C SER A 87 15.52 12.16 -17.84
N SER A 88 15.60 12.55 -19.11
CA SER A 88 14.41 12.71 -19.91
C SER A 88 13.98 11.35 -20.49
N GLY A 89 14.65 10.28 -20.13
CA GLY A 89 14.20 8.96 -20.53
C GLY A 89 14.97 8.45 -21.73
N ALA A 90 14.34 7.56 -22.47
CA ALA A 90 14.97 6.92 -23.59
C ALA A 90 15.27 7.94 -24.67
N ASP A 91 16.44 7.82 -25.26
CA ASP A 91 16.87 8.76 -26.29
C ASP A 91 16.08 8.47 -27.57
N PHE A 92 15.26 9.44 -27.99
CA PHE A 92 14.40 9.24 -29.17
C PHE A 92 15.18 9.18 -30.50
N LYS A 93 16.32 9.87 -30.58
CA LYS A 93 17.19 9.78 -31.76
C LYS A 93 17.72 8.35 -31.93
N GLY A 94 18.14 7.74 -30.84
CA GLY A 94 18.60 6.36 -30.84
C GLY A 94 17.50 5.39 -31.24
N ILE A 95 16.25 5.71 -30.89
CA ILE A 95 15.10 4.88 -31.24
C ILE A 95 14.85 4.92 -32.77
N ALA A 96 14.91 6.13 -33.33
CA ALA A 96 14.88 6.34 -34.80
C ALA A 96 16.03 5.57 -35.47
N LYS A 97 17.21 5.62 -34.87
CA LYS A 97 18.36 4.80 -35.30
C LYS A 97 17.98 3.34 -35.45
N ALA A 98 17.34 2.81 -34.41
CA ALA A 98 16.93 1.42 -34.36
C ALA A 98 15.72 1.11 -35.28
N GLN A 99 15.10 2.12 -35.87
CA GLN A 99 14.07 1.87 -36.90
C GLN A 99 14.68 1.72 -38.31
N GLY A 100 15.42 2.72 -38.79
CA GLY A 100 16.17 2.58 -40.05
C GLY A 100 17.09 1.39 -39.96
N ASP A 101 16.98 0.48 -40.93
CA ASP A 101 17.40 -0.93 -40.76
C ASP A 101 18.88 -1.30 -41.01
N ASP A 102 19.37 -0.90 -42.19
CA ASP A 102 20.66 -1.35 -42.74
C ASP A 102 20.82 -2.88 -42.92
N THR A 103 20.02 -3.53 -43.79
CA THR A 103 18.72 -3.02 -44.32
C THR A 103 17.63 -4.07 -44.03
N ASN A 104 18.02 -5.35 -44.10
CA ASN A 104 17.32 -6.44 -43.42
C ASN A 104 18.34 -7.05 -42.43
N LYS A 105 18.83 -6.23 -41.51
CA LYS A 105 19.64 -6.69 -40.37
C LYS A 105 18.83 -7.65 -39.45
N TYR A 106 17.51 -7.48 -39.42
CA TYR A 106 16.62 -8.36 -38.65
C TYR A 106 15.61 -9.01 -39.56
N PRO A 107 15.35 -10.32 -39.36
CA PRO A 107 14.40 -11.04 -40.21
C PRO A 107 12.97 -10.55 -40.10
N SER A 108 12.64 -9.81 -39.05
CA SER A 108 11.28 -9.32 -38.86
C SER A 108 11.30 -8.17 -37.87
N GLU A 109 10.19 -7.43 -37.86
CA GLU A 109 9.95 -6.37 -36.86
C GLU A 109 10.03 -6.95 -35.45
N THR A 110 9.39 -8.11 -35.24
CA THR A 110 9.46 -8.79 -33.97
C THR A 110 10.91 -9.04 -33.55
N SER A 111 11.71 -9.65 -34.41
CA SER A 111 13.08 -9.94 -34.06
C SER A 111 13.85 -8.66 -33.69
N LYS A 112 13.58 -7.60 -34.44
CA LYS A 112 14.24 -6.34 -34.18
C LYS A 112 13.91 -5.80 -32.79
N TRP A 113 12.62 -5.77 -32.46
CA TRP A 113 12.22 -5.23 -31.18
C TRP A 113 12.56 -6.15 -30.02
N VAL A 114 12.65 -7.47 -30.24
CA VAL A 114 13.10 -8.38 -29.20
C VAL A 114 14.51 -8.00 -28.83
N SER A 115 15.33 -7.77 -29.83
CA SER A 115 16.71 -7.38 -29.59
C SER A 115 16.90 -5.97 -29.10
N ASN A 116 16.15 -5.01 -29.62
CA ASN A 116 16.36 -3.63 -29.26
C ASN A 116 15.65 -3.18 -27.99
N PHE A 117 14.45 -3.67 -27.75
CA PHE A 117 13.67 -3.20 -26.62
C PHE A 117 13.57 -4.25 -25.52
N VAL A 118 13.07 -5.42 -25.87
CA VAL A 118 12.80 -6.45 -24.92
C VAL A 118 14.04 -6.76 -24.07
N ALA A 119 15.16 -6.95 -24.75
CA ALA A 119 16.39 -7.42 -24.14
C ALA A 119 16.93 -6.39 -23.16
N ARG A 120 17.06 -5.18 -23.64
CA ARG A 120 17.55 -4.14 -22.81
C ARG A 120 16.65 -3.86 -21.60
N ASN A 121 15.32 -3.78 -21.78
CA ASN A 121 14.42 -3.51 -20.65
C ASN A 121 14.44 -4.63 -19.63
N VAL A 122 14.45 -5.88 -20.06
CA VAL A 122 14.36 -6.93 -19.06
C VAL A 122 15.62 -6.99 -18.25
N TYR A 123 16.75 -6.68 -18.91
CA TYR A 123 18.03 -6.78 -18.27
C TYR A 123 18.19 -5.70 -17.22
N VAL A 124 17.94 -4.45 -17.59
CA VAL A 124 18.21 -3.36 -16.66
C VAL A 124 17.22 -3.41 -15.53
N THR A 125 15.98 -3.74 -15.82
CA THR A 125 14.94 -3.78 -14.77
C THR A 125 15.32 -4.84 -13.75
N ASP A 126 15.76 -5.99 -14.25
CA ASP A 126 16.17 -7.05 -13.39
C ASP A 126 17.36 -6.62 -12.48
N ALA A 127 18.32 -5.90 -13.04
CA ALA A 127 19.48 -5.45 -12.29
C ALA A 127 19.07 -4.60 -11.08
N PHE A 128 18.08 -3.75 -11.26
CA PHE A 128 17.57 -2.96 -10.17
C PHE A 128 16.77 -3.79 -9.17
N ILE A 129 15.90 -4.65 -9.68
CA ILE A 129 14.99 -5.42 -8.81
C ILE A 129 15.80 -6.27 -7.86
N LYS A 130 16.82 -6.92 -8.35
CA LYS A 130 17.60 -7.85 -7.49
C LYS A 130 18.76 -7.23 -6.71
N HIS A 131 19.07 -5.98 -6.94
CA HIS A 131 20.25 -5.35 -6.33
C HIS A 131 20.21 -5.48 -4.82
N SER A 132 21.31 -5.92 -4.21
CA SER A 132 21.32 -6.21 -2.74
C SER A 132 21.80 -5.07 -1.89
N LYS A 133 22.41 -4.07 -2.51
CA LYS A 133 22.89 -2.90 -1.75
C LYS A 133 21.76 -1.89 -1.66
N VAL A 134 21.83 -1.00 -0.67
CA VAL A 134 20.80 0.03 -0.52
C VAL A 134 20.94 1.02 -1.66
N LEU A 135 19.86 1.19 -2.41
CA LEU A 135 19.86 1.94 -3.64
C LEU A 135 19.18 3.27 -3.41
N ILE A 136 19.94 4.34 -3.62
CA ILE A 136 19.51 5.68 -3.26
C ILE A 136 19.57 6.54 -4.51
N CYS A 137 18.46 7.22 -4.79
CA CYS A 137 18.39 8.09 -5.94
C CYS A 137 18.44 9.54 -5.50
N CYS A 138 19.36 10.29 -6.10
CA CYS A 138 19.41 11.75 -5.85
C CYS A 138 18.71 12.42 -7.01
N LEU A 139 17.49 12.85 -6.74
CA LEU A 139 16.65 13.31 -7.81
C LEU A 139 16.83 14.82 -7.99
N ASN A 140 17.64 15.18 -8.98
CA ASN A 140 18.06 16.58 -9.20
C ASN A 140 17.17 17.35 -10.16
N GLY A 141 16.08 16.72 -10.58
CA GLY A 141 15.17 17.28 -11.52
C GLY A 141 14.23 16.17 -11.99
N PRO A 142 13.42 16.47 -12.99
CA PRO A 142 12.47 15.49 -13.44
C PRO A 142 13.06 14.24 -14.06
N ALA A 143 12.29 13.15 -13.97
CA ALA A 143 12.64 11.90 -14.67
C ALA A 143 11.42 11.42 -15.45
N ILE A 144 11.70 10.82 -16.60
CA ILE A 144 10.69 10.46 -17.52
C ILE A 144 10.86 9.03 -18.02
N GLY A 145 9.75 8.34 -18.22
CA GLY A 145 9.80 7.04 -18.94
C GLY A 145 10.59 6.00 -18.17
N LEU A 146 11.40 5.24 -18.87
CA LEU A 146 12.13 4.16 -18.26
C LEU A 146 13.04 4.70 -17.16
N SER A 147 13.54 5.93 -17.34
CA SER A 147 14.41 6.50 -16.27
C SER A 147 13.63 6.75 -15.02
N ALA A 148 12.39 7.25 -15.16
CA ALA A 148 11.54 7.43 -14.03
C ALA A 148 11.15 6.07 -13.38
N ALA A 149 11.04 5.02 -14.19
CA ALA A 149 10.77 3.67 -13.64
C ALA A 149 11.94 3.24 -12.72
N LEU A 150 13.17 3.54 -13.14
CA LEU A 150 14.34 3.19 -12.32
C LEU A 150 14.40 3.96 -11.02
N VAL A 151 13.95 5.20 -11.03
CA VAL A 151 13.80 5.94 -9.81
C VAL A 151 12.86 5.25 -8.82
N ALA A 152 11.71 4.83 -9.33
CA ALA A 152 10.69 4.16 -8.53
C ALA A 152 11.13 2.77 -8.02
N LEU A 153 12.16 2.20 -8.60
CA LEU A 153 12.76 0.97 -8.08
C LEU A 153 13.81 1.18 -6.98
N CYS A 154 14.24 2.43 -6.78
CA CYS A 154 15.21 2.70 -5.74
C CYS A 154 14.56 2.58 -4.37
N ASP A 155 15.37 2.29 -3.35
CA ASP A 155 14.88 2.13 -1.99
C ASP A 155 14.59 3.46 -1.31
N ILE A 156 15.36 4.50 -1.65
CA ILE A 156 15.26 5.81 -1.02
C ILE A 156 15.51 6.88 -2.06
N VAL A 157 14.73 7.95 -2.00
CA VAL A 157 14.84 9.03 -2.96
C VAL A 157 14.93 10.37 -2.22
N TYR A 158 15.90 11.17 -2.62
CA TYR A 158 16.04 12.50 -2.06
C TYR A 158 15.88 13.47 -3.21
N SER A 159 15.16 14.56 -2.97
CA SER A 159 14.90 15.53 -4.02
C SER A 159 15.67 16.85 -3.81
N ILE A 160 16.06 17.46 -4.91
CA ILE A 160 16.75 18.74 -4.88
C ILE A 160 15.83 19.88 -4.47
N ASN A 161 14.63 19.89 -5.01
CA ASN A 161 13.63 20.90 -4.65
C ASN A 161 12.24 20.45 -5.07
N ASP A 162 11.25 21.29 -4.78
CA ASP A 162 9.86 20.91 -5.00
C ASP A 162 9.39 21.05 -6.42
N LYS A 163 10.30 21.19 -7.36
CA LYS A 163 9.94 21.20 -8.76
C LYS A 163 10.18 19.86 -9.44
N VAL A 164 10.73 18.88 -8.74
CA VAL A 164 10.91 17.57 -9.36
C VAL A 164 9.52 16.97 -9.65
N TYR A 165 9.49 16.14 -10.68
CA TYR A 165 8.32 15.28 -10.92
C TYR A 165 8.77 14.04 -11.65
N LEU A 166 7.89 13.04 -11.68
CA LEU A 166 8.13 11.85 -12.45
C LEU A 166 7.01 11.78 -13.49
N LEU A 167 7.36 11.50 -14.72
CA LEU A 167 6.36 11.40 -15.76
C LEU A 167 6.51 10.09 -16.48
N TYR A 168 5.38 9.39 -16.63
CA TYR A 168 5.37 8.11 -17.32
C TYR A 168 4.42 8.26 -18.50
N PRO A 169 4.95 8.70 -19.64
CA PRO A 169 4.09 9.13 -20.73
C PRO A 169 3.69 7.99 -21.68
N PHE A 170 3.47 6.82 -21.15
CA PHE A 170 3.26 5.64 -22.01
C PHE A 170 2.02 5.75 -22.91
N ALA A 171 0.96 6.33 -22.35
CA ALA A 171 -0.28 6.47 -23.09
C ALA A 171 -0.13 7.44 -24.27
N ASN A 172 0.75 8.42 -24.10
CA ASN A 172 1.04 9.35 -25.15
C ASN A 172 1.98 8.82 -26.19
N LEU A 173 2.79 7.84 -25.82
CA LEU A 173 3.74 7.24 -26.74
C LEU A 173 3.25 5.97 -27.40
N GLY A 174 2.07 5.51 -27.06
CA GLY A 174 1.57 4.23 -27.63
C GLY A 174 2.28 3.01 -27.03
N LEU A 175 2.65 3.11 -25.75
CA LEU A 175 3.36 2.04 -25.04
C LEU A 175 2.58 1.66 -23.78
N ILE A 176 3.17 0.78 -22.96
CA ILE A 176 2.55 0.41 -21.70
C ILE A 176 3.59 0.53 -20.57
N THR A 177 3.27 0.03 -19.38
CA THR A 177 4.14 0.12 -18.25
C THR A 177 5.48 -0.55 -18.53
N GLU A 178 6.53 0.10 -18.00
CA GLU A 178 7.92 -0.38 -18.20
C GLU A 178 8.69 -0.33 -16.90
N GLY A 179 9.78 -1.07 -16.84
CA GLY A 179 10.69 -1.01 -15.70
C GLY A 179 10.08 -1.33 -14.35
N GLY A 180 9.08 -2.19 -14.34
CA GLY A 180 8.43 -2.62 -13.11
C GLY A 180 7.39 -1.67 -12.55
N THR A 181 7.08 -0.61 -13.30
CA THR A 181 6.09 0.37 -12.86
C THR A 181 4.72 -0.23 -12.66
N THR A 182 4.42 -1.31 -13.33
CA THR A 182 3.15 -2.06 -13.05
C THR A 182 3.01 -2.34 -11.56
N VAL A 183 4.13 -2.64 -10.92
CA VAL A 183 4.12 -2.91 -9.49
C VAL A 183 4.49 -1.68 -8.65
N SER A 184 5.56 -0.98 -9.04
CA SER A 184 6.12 0.06 -8.18
C SER A 184 5.19 1.23 -8.00
N LEU A 185 4.43 1.60 -9.02
CA LEU A 185 3.60 2.79 -8.88
C LEU A 185 2.42 2.61 -7.95
N PRO A 186 1.64 1.53 -8.12
CA PRO A 186 0.61 1.32 -7.14
C PRO A 186 1.17 1.13 -5.74
N LEU A 187 2.28 0.45 -5.64
CA LEU A 187 2.90 0.22 -4.36
C LEU A 187 3.33 1.51 -3.67
N LYS A 188 3.90 2.45 -4.43
CA LYS A 188 4.49 3.65 -3.80
C LYS A 188 3.60 4.90 -3.89
N PHE A 189 2.58 4.87 -4.75
CA PHE A 189 1.69 6.02 -4.91
C PHE A 189 0.22 5.72 -4.72
N GLY A 190 -0.15 4.44 -4.55
CA GLY A 190 -1.53 4.05 -4.49
C GLY A 190 -2.10 3.77 -5.85
N THR A 191 -3.08 2.88 -5.87
CA THR A 191 -3.70 2.46 -7.13
C THR A 191 -4.42 3.58 -7.84
N ASN A 192 -5.30 4.29 -7.13
CA ASN A 192 -6.14 5.31 -7.81
C ASN A 192 -5.30 6.43 -8.43
N THR A 193 -4.31 6.92 -7.69
CA THR A 193 -3.42 7.96 -8.19
C THR A 193 -2.65 7.45 -9.38
N THR A 194 -2.19 6.20 -9.31
CA THR A 194 -1.50 5.59 -10.44
C THR A 194 -2.36 5.58 -11.70
N TYR A 195 -3.63 5.22 -11.58
CA TYR A 195 -4.51 5.18 -12.78
C TYR A 195 -4.73 6.60 -13.34
N GLU A 196 -4.95 7.58 -12.50
CA GLU A 196 -5.09 8.95 -12.98
C GLU A 196 -3.87 9.41 -13.75
N CYS A 197 -2.68 9.21 -13.17
CA CYS A 197 -1.45 9.59 -13.85
C CYS A 197 -1.12 8.81 -15.09
N LEU A 198 -1.28 7.49 -15.04
CA LEU A 198 -0.89 6.70 -16.20
C LEU A 198 -1.92 6.80 -17.32
N MET A 199 -3.19 6.75 -16.97
CA MET A 199 -4.23 6.69 -18.02
C MET A 199 -4.30 8.03 -18.77
N PHE A 200 -4.00 9.12 -18.08
CA PHE A 200 -4.12 10.43 -18.72
C PHE A 200 -2.79 11.14 -18.94
N ASN A 201 -1.68 10.40 -18.81
CA ASN A 201 -0.37 10.96 -19.05
C ASN A 201 -0.11 12.22 -18.22
N LYS A 202 -0.33 12.12 -16.93
CA LYS A 202 -0.12 13.21 -16.02
C LYS A 202 1.03 12.87 -15.05
N PRO A 203 1.80 13.90 -14.67
CA PRO A 203 2.97 13.65 -13.85
C PRO A 203 2.64 13.33 -12.43
N PHE A 204 3.52 12.55 -11.79
CA PHE A 204 3.48 12.41 -10.32
C PHE A 204 4.34 13.55 -9.80
N LYS A 205 3.69 14.55 -9.29
CA LYS A 205 4.35 15.77 -8.89
C LYS A 205 4.90 15.70 -7.52
N TYR A 206 5.70 16.68 -7.20
CA TYR A 206 6.28 16.78 -5.90
C TYR A 206 5.32 16.56 -4.78
N ASP A 207 4.17 17.26 -4.81
CA ASP A 207 3.24 17.14 -3.68
C ASP A 207 2.76 15.68 -3.44
N ILE A 208 2.45 14.99 -4.53
CA ILE A 208 2.06 13.59 -4.50
C ILE A 208 3.19 12.69 -4.02
N MET A 209 4.41 13.00 -4.44
CA MET A 209 5.56 12.24 -3.96
C MET A 209 5.69 12.38 -2.47
N CME A 210 5.53 13.59 -1.97
CA CME A 210 5.73 13.89 -0.57
CB CME A 210 6.06 15.40 -0.48
SG CME A 210 6.58 15.80 1.15
SD CME A 210 8.57 15.23 1.33
CE CME A 210 9.57 16.56 2.09
CZ CME A 210 10.31 16.30 3.47
OH CME A 210 11.67 16.91 3.64
C CME A 210 4.60 13.32 0.24
O CME A 210 4.82 12.73 1.29
N GLU A 211 3.38 13.43 -0.25
CA GLU A 211 2.24 12.85 0.46
C GLU A 211 2.31 11.32 0.60
N ASN A 212 2.95 10.64 -0.32
CA ASN A 212 3.11 9.19 -0.23
C ASN A 212 4.42 8.74 0.42
N GLY A 213 5.17 9.70 0.95
CA GLY A 213 6.49 9.41 1.52
C GLY A 213 7.47 8.86 0.49
N PHE A 214 7.28 9.17 -0.79
CA PHE A 214 8.19 8.66 -1.80
C PHE A 214 9.58 9.34 -1.67
N ILE A 215 9.56 10.59 -1.27
CA ILE A 215 10.78 11.36 -1.11
C ILE A 215 11.04 11.39 0.35
N SER A 216 12.23 10.97 0.75
CA SER A 216 12.55 10.92 2.18
C SER A 216 13.12 12.24 2.66
N LYS A 217 13.71 13.04 1.79
CA LYS A 217 14.10 14.41 2.18
C LYS A 217 14.20 15.29 0.97
N ASN A 218 13.61 16.47 1.09
CA ASN A 218 13.72 17.49 0.10
C ASN A 218 14.80 18.50 0.56
N PHE A 219 15.80 18.74 -0.25
CA PHE A 219 16.94 19.54 0.18
C PHE A 219 16.71 21.01 -0.09
N ASN A 220 15.71 21.32 -0.90
CA ASN A 220 15.30 22.69 -1.18
C ASN A 220 16.48 23.57 -1.64
N MET A 221 17.19 23.10 -2.66
CA MET A 221 18.28 23.80 -3.24
C MET A 221 17.88 24.23 -4.61
N PRO A 222 18.57 25.23 -5.17
CA PRO A 222 18.30 25.66 -6.54
C PRO A 222 18.63 24.61 -7.61
N SER A 223 17.79 24.56 -8.65
CA SER A 223 17.94 23.62 -9.77
C SER A 223 19.18 23.84 -10.57
N SER A 224 19.77 25.01 -10.41
CA SER A 224 20.96 25.33 -11.16
C SER A 224 22.22 24.67 -10.57
N ASN A 225 22.14 24.03 -9.41
CA ASN A 225 23.35 23.39 -8.89
C ASN A 225 23.13 21.95 -8.38
N ALA A 226 22.95 21.06 -9.34
CA ALA A 226 22.86 19.63 -9.08
C ALA A 226 24.12 19.16 -8.34
N GLU A 227 25.25 19.72 -8.69
CA GLU A 227 26.53 19.34 -8.07
C GLU A 227 26.55 19.58 -6.59
N ALA A 228 26.04 20.73 -6.18
CA ALA A 228 26.01 21.03 -4.79
C ALA A 228 25.06 20.12 -4.06
N PHE A 229 23.92 19.87 -4.67
CA PHE A 229 22.92 18.92 -4.14
C PHE A 229 23.56 17.55 -4.00
N ASN A 230 24.17 17.07 -5.06
CA ASN A 230 24.83 15.76 -5.02
C ASN A 230 25.83 15.64 -3.90
N ALA A 231 26.64 16.70 -3.72
CA ALA A 231 27.65 16.71 -2.66
C ALA A 231 27.02 16.72 -1.29
N LYS A 232 25.99 17.52 -1.16
CA LYS A 232 25.30 17.65 0.12
C LYS A 232 24.64 16.32 0.55
N VAL A 233 24.04 15.59 -0.39
CA VAL A 233 23.51 14.28 -0.03
C VAL A 233 24.63 13.34 0.44
N LEU A 234 25.71 13.29 -0.31
CA LEU A 234 26.83 12.45 0.12
C LEU A 234 27.39 12.81 1.50
N GLU A 235 27.41 14.09 1.77
CA GLU A 235 27.86 14.58 3.07
C GLU A 235 26.96 14.11 4.18
N GLU A 236 25.67 14.24 4.00
CA GLU A 236 24.74 13.77 5.01
C GLU A 236 24.78 12.27 5.18
N LEU A 237 24.87 11.56 4.08
CA LEU A 237 25.00 10.08 4.14
C LEU A 237 26.22 9.65 4.99
N ARG A 238 27.38 10.30 4.78
CA ARG A 238 28.60 9.97 5.58
C ARG A 238 28.34 10.13 7.06
N GLU A 239 27.58 11.17 7.42
CA GLU A 239 27.22 11.38 8.81
C GLU A 239 26.27 10.28 9.29
N LYS A 240 25.23 10.01 8.48
CA LYS A 240 24.18 9.07 8.91
C LYS A 240 24.67 7.66 9.11
N VAL A 241 25.67 7.22 8.38
CA VAL A 241 26.11 5.85 8.54
C VAL A 241 27.00 5.61 9.77
N LYS A 242 27.45 6.69 10.40
CA LYS A 242 28.40 6.55 11.49
C LYS A 242 27.77 5.80 12.61
N GLY A 243 28.49 4.82 13.14
CA GLY A 243 27.97 4.04 14.25
C GLY A 243 27.08 2.88 13.87
N LEU A 244 26.61 2.84 12.63
CA LEU A 244 25.75 1.74 12.19
C LEU A 244 26.55 0.53 11.89
N TYR A 245 25.94 -0.63 12.09
CA TYR A 245 26.52 -1.87 11.64
C TYR A 245 26.04 -2.15 10.23
N LEU A 246 26.90 -1.88 9.26
CA LEU A 246 26.46 -1.87 7.88
C LEU A 246 25.91 -3.23 7.35
N PRO A 247 26.45 -4.37 7.82
CA PRO A 247 25.85 -5.62 7.38
C PRO A 247 24.38 -5.77 7.79
N SER A 248 23.97 -5.10 8.85
CA SER A 248 22.56 -5.08 9.23
C SER A 248 21.68 -4.41 8.18
N CYS A 249 22.16 -3.31 7.60
CA CYS A 249 21.46 -2.65 6.50
C CYS A 249 21.16 -3.68 5.41
N LEU A 250 22.14 -4.44 5.02
CA LEU A 250 21.98 -5.37 3.92
C LEU A 250 21.11 -6.56 4.30
N GLY A 251 21.24 -7.01 5.55
CA GLY A 251 20.43 -8.12 6.06
C GLY A 251 18.97 -7.69 6.10
N MET A 252 18.70 -6.49 6.58
CA MET A 252 17.34 -5.99 6.57
C MET A 252 16.80 -5.86 5.14
N LYS A 253 17.61 -5.34 4.22
CA LYS A 253 17.15 -5.16 2.85
C LYS A 253 16.82 -6.52 2.22
N LYS A 254 17.62 -7.52 2.52
CA LYS A 254 17.38 -8.84 2.00
C LYS A 254 15.98 -9.37 2.35
N LEU A 255 15.56 -9.15 3.59
CA LEU A 255 14.23 -9.51 3.99
C LEU A 255 13.15 -8.60 3.39
N LEU A 256 13.37 -7.30 3.41
CA LEU A 256 12.38 -6.36 2.87
C LEU A 256 12.09 -6.62 1.39
N LYS A 257 13.13 -6.92 0.62
CA LYS A 257 13.03 -7.20 -0.81
C LYS A 257 12.09 -8.37 -1.08
N SER A 258 12.08 -9.37 -0.19
CA SER A 258 11.26 -10.55 -0.35
C SER A 258 9.77 -10.22 -0.29
N ASN A 259 9.37 -9.05 0.21
CA ASN A 259 7.95 -8.74 0.20
C ASN A 259 7.38 -8.73 -1.24
N HIS A 260 8.12 -8.23 -2.21
CA HIS A 260 7.57 -7.98 -3.53
C HIS A 260 8.40 -8.48 -4.67
N ILE A 261 9.42 -9.28 -4.34
CA ILE A 261 10.35 -9.71 -5.36
C ILE A 261 9.63 -10.50 -6.46
N ASP A 262 8.74 -11.40 -6.08
CA ASP A 262 8.04 -12.24 -7.05
C ASP A 262 7.16 -11.40 -7.99
N ALA A 263 6.42 -10.44 -7.42
CA ALA A 263 5.60 -9.55 -8.21
C ALA A 263 6.46 -8.77 -9.20
N PHE A 264 7.64 -8.29 -8.78
CA PHE A 264 8.49 -7.54 -9.68
C PHE A 264 9.04 -8.42 -10.79
N ASN A 265 9.47 -9.63 -10.48
CA ASN A 265 9.99 -10.50 -11.50
C ASN A 265 8.90 -10.92 -12.49
N LYS A 266 7.72 -11.20 -11.97
CA LYS A 266 6.59 -11.52 -12.87
C LYS A 266 6.25 -10.33 -13.77
N ALA A 267 6.23 -9.11 -13.21
CA ALA A 267 5.88 -7.93 -13.97
C ALA A 267 6.90 -7.64 -15.07
N ASN A 268 8.17 -7.90 -14.80
CA ASN A 268 9.24 -7.58 -15.73
C ASN A 268 9.07 -8.37 -17.04
N SER A 269 8.87 -9.67 -16.90
CA SER A 269 8.64 -10.55 -18.02
C SER A 269 7.41 -10.17 -18.85
N VAL A 270 6.31 -9.88 -18.16
CA VAL A 270 5.09 -9.54 -18.80
C VAL A 270 5.15 -8.15 -19.43
N GLU A 271 5.72 -7.17 -18.74
CA GLU A 271 5.84 -5.86 -19.34
C GLU A 271 6.59 -5.87 -20.66
N VAL A 272 7.70 -6.55 -20.67
CA VAL A 272 8.61 -6.51 -21.81
C VAL A 272 7.98 -7.24 -23.02
N ASN A 273 7.33 -8.37 -22.77
CA ASN A 273 6.67 -9.12 -23.83
C ASN A 273 5.39 -8.46 -24.32
N GLU A 274 4.60 -7.87 -23.43
CA GLU A 274 3.36 -7.24 -23.85
C GLU A 274 3.59 -5.92 -24.62
N SER A 275 4.69 -5.23 -24.35
CA SER A 275 5.03 -4.03 -25.06
C SER A 275 5.36 -4.32 -26.53
N LEU A 276 5.82 -5.54 -26.83
CA LEU A 276 6.21 -5.88 -28.18
C LEU A 276 5.17 -5.61 -29.22
N LYS A 277 3.91 -5.93 -28.97
CA LYS A 277 2.88 -5.73 -29.98
C LYS A 277 2.72 -4.23 -30.26
N TYR A 278 3.05 -3.35 -29.30
CA TYR A 278 2.89 -1.90 -29.52
C TYR A 278 4.01 -1.46 -30.47
N TRP A 279 5.23 -1.94 -30.25
CA TRP A 279 6.34 -1.61 -31.14
C TRP A 279 6.11 -2.16 -32.53
N VAL A 280 5.71 -3.41 -32.60
CA VAL A 280 5.52 -4.09 -33.89
C VAL A 280 4.39 -3.46 -34.68
N ASP A 281 3.32 -3.06 -34.00
CA ASP A 281 2.27 -2.29 -34.65
C ASP A 281 2.75 -0.99 -35.28
N GLY A 282 3.77 -0.35 -34.70
CA GLY A 282 4.34 0.86 -35.26
C GLY A 282 3.95 2.15 -34.56
N GLU A 283 2.86 2.14 -33.80
CA GLU A 283 2.39 3.37 -33.18
C GLU A 283 3.49 4.19 -32.45
N PRO A 284 4.34 3.54 -31.65
CA PRO A 284 5.30 4.36 -30.88
C PRO A 284 6.31 5.05 -31.77
N LEU A 285 6.70 4.41 -32.86
CA LEU A 285 7.66 4.99 -33.78
C LEU A 285 7.08 6.26 -34.43
N LYS A 286 5.85 6.18 -34.93
CA LYS A 286 5.10 7.35 -35.39
C LYS A 286 5.15 8.47 -34.36
N ARG A 287 4.72 8.16 -33.14
CA ARG A 287 4.64 9.16 -32.10
C ARG A 287 5.99 9.66 -31.64
N PHE A 288 6.99 8.78 -31.57
CA PHE A 288 8.36 9.19 -31.20
C PHE A 288 8.89 10.22 -32.21
N ARG A 289 8.46 10.09 -33.47
CA ARG A 289 8.75 11.02 -34.57
C ARG A 289 7.72 12.19 -34.71
N GLN A 290 6.91 12.43 -33.68
CA GLN A 290 5.75 13.36 -33.75
C GLN A 290 4.78 13.14 -34.93
N GLU B 24 -7.14 -18.74 33.73
CA GLU B 24 -6.14 -19.00 34.81
C GLU B 24 -4.74 -18.96 34.25
N ILE B 25 -3.87 -18.14 34.83
CA ILE B 25 -2.49 -18.01 34.37
C ILE B 25 -1.65 -17.52 35.54
N ARG B 26 -0.35 -17.80 35.55
CA ARG B 26 0.54 -17.25 36.56
C ARG B 26 0.44 -15.72 36.61
N GLN B 27 0.88 -15.16 37.72
CA GLN B 27 0.95 -13.73 37.85
C GLN B 27 2.31 -13.25 37.36
N ASN B 28 2.37 -12.00 36.95
CA ASN B 28 3.60 -11.40 36.51
C ASN B 28 3.56 -10.01 37.07
N GLU B 29 4.60 -9.65 37.81
CA GLU B 29 4.62 -8.36 38.48
C GLU B 29 4.75 -7.20 37.50
N LYS B 30 5.23 -7.46 36.28
CA LYS B 30 5.42 -6.39 35.30
C LYS B 30 4.22 -6.17 34.37
N ILE B 31 3.29 -7.12 34.36
CA ILE B 31 2.19 -7.06 33.42
C ILE B 31 0.96 -7.63 34.07
N SER B 32 -0.09 -6.85 34.13
CA SER B 32 -1.35 -7.33 34.68
C SER B 32 -2.41 -7.40 33.58
N TYR B 33 -3.56 -8.00 33.89
CA TYR B 33 -4.67 -7.96 32.97
C TYR B 33 -5.96 -8.02 33.72
N ARG B 34 -7.03 -7.60 33.07
CA ARG B 34 -8.37 -7.79 33.59
C ARG B 34 -9.37 -7.75 32.45
N ILE B 35 -10.59 -8.19 32.70
CA ILE B 35 -11.64 -8.21 31.72
C ILE B 35 -12.81 -7.32 32.15
N GLU B 36 -13.24 -6.39 31.30
CA GLU B 36 -14.39 -5.53 31.54
C GLU B 36 -15.29 -5.67 30.33
N GLY B 37 -16.37 -6.41 30.50
CA GLY B 37 -17.34 -6.64 29.45
C GLY B 37 -16.68 -7.37 28.27
N PRO B 38 -16.74 -6.79 27.09
CA PRO B 38 -16.07 -7.40 25.94
C PRO B 38 -14.59 -7.06 25.77
N PHE B 39 -14.00 -6.35 26.74
CA PHE B 39 -12.63 -5.90 26.64
C PHE B 39 -11.70 -6.70 27.55
N PHE B 40 -10.63 -7.25 26.99
CA PHE B 40 -9.59 -7.92 27.75
C PHE B 40 -8.45 -6.93 27.72
N ILE B 41 -8.09 -6.44 28.91
CA ILE B 41 -7.19 -5.30 29.05
C ILE B 41 -5.89 -5.76 29.65
N ILE B 42 -4.82 -5.54 28.91
CA ILE B 42 -3.48 -5.93 29.34
C ILE B 42 -2.78 -4.63 29.71
N HIS B 43 -2.07 -4.63 30.84
CA HIS B 43 -1.45 -3.39 31.36
C HIS B 43 0.00 -3.61 31.73
N LEU B 44 0.89 -2.92 31.02
CA LEU B 44 2.31 -2.99 31.33
C LEU B 44 2.51 -2.02 32.50
N ILE B 45 3.04 -2.53 33.61
CA ILE B 45 3.00 -1.78 34.88
C ILE B 45 4.37 -1.68 35.55
N ASN B 46 5.38 -1.37 34.76
CA ASN B 46 6.75 -1.24 35.25
C ASN B 46 7.36 0.04 34.72
N PRO B 47 6.73 1.16 35.01
CA PRO B 47 7.20 2.44 34.50
C PRO B 47 8.59 2.85 34.94
N ASP B 48 9.06 2.40 36.11
CA ASP B 48 10.40 2.81 36.55
C ASP B 48 11.47 2.28 35.63
N ASN B 49 11.21 1.15 34.98
CA ASN B 49 12.15 0.60 34.02
C ASN B 49 11.69 0.82 32.55
N LEU B 50 10.84 1.83 32.33
CA LEU B 50 10.28 2.16 31.01
C LEU B 50 9.65 0.93 30.34
N ASN B 51 9.11 0.03 31.16
CA ASN B 51 8.46 -1.15 30.70
C ASN B 51 9.30 -1.97 29.70
N ALA B 52 10.61 -2.00 29.96
CA ALA B 52 11.51 -2.89 29.26
C ALA B 52 11.10 -4.30 29.62
N LEU B 53 11.20 -5.22 28.67
CA LEU B 53 10.67 -6.56 28.88
C LEU B 53 11.73 -7.61 28.64
N GLU B 54 11.79 -8.60 29.52
CA GLU B 54 12.69 -9.73 29.30
C GLU B 54 12.00 -10.78 28.46
N GLY B 55 12.76 -11.78 28.04
CA GLY B 55 12.23 -12.85 27.23
C GLY B 55 10.95 -13.44 27.79
N GLU B 56 10.98 -13.78 29.07
CA GLU B 56 9.83 -14.43 29.67
C GLU B 56 8.67 -13.51 29.77
N ASP B 57 8.90 -12.20 29.78
CA ASP B 57 7.80 -11.27 29.75
C ASP B 57 7.11 -11.27 28.36
N TYR B 58 7.89 -11.40 27.30
CA TYR B 58 7.32 -11.47 25.94
C TYR B 58 6.49 -12.72 25.81
N ILE B 59 7.01 -13.81 26.35
CA ILE B 59 6.26 -15.06 26.34
C ILE B 59 4.96 -14.91 27.08
N TYR B 60 5.03 -14.27 28.24
CA TYR B 60 3.86 -14.02 29.05
C TYR B 60 2.83 -13.19 28.29
N LEU B 61 3.28 -12.14 27.61
CA LEU B 61 2.37 -11.39 26.72
C LEU B 61 1.65 -12.30 25.69
N GLY B 62 2.41 -13.17 25.06
CA GLY B 62 1.81 -14.15 24.13
C GLY B 62 0.74 -14.99 24.81
N GLU B 63 1.04 -15.44 26.03
CA GLU B 63 0.10 -16.30 26.74
C GLU B 63 -1.13 -15.55 27.10
N LEU B 64 -0.98 -14.25 27.41
CA LEU B 64 -2.16 -13.45 27.67
C LEU B 64 -3.02 -13.27 26.43
N LEU B 65 -2.39 -13.02 25.28
CA LEU B 65 -3.16 -12.94 24.01
C LEU B 65 -3.94 -14.25 23.74
N GLU B 66 -3.29 -15.37 24.00
CA GLU B 66 -3.89 -16.66 23.74
C GLU B 66 -5.02 -16.96 24.70
N LEU B 67 -4.92 -16.46 25.92
CA LEU B 67 -6.04 -16.48 26.87
C LEU B 67 -7.19 -15.61 26.41
N ALA B 68 -6.89 -14.38 26.03
CA ALA B 68 -7.95 -13.52 25.52
C ALA B 68 -8.62 -14.13 24.28
N ASP B 69 -7.84 -14.80 23.46
CA ASP B 69 -8.36 -15.35 22.20
C ASP B 69 -9.32 -16.48 22.44
N ARG B 70 -9.13 -17.23 23.52
CA ARG B 70 -9.99 -18.36 23.85
C ARG B 70 -11.24 -17.95 24.62
N ASN B 71 -11.32 -16.71 25.04
CA ASN B 71 -12.47 -16.27 25.80
C ASN B 71 -13.57 -15.74 24.91
N ARG B 72 -14.66 -16.48 24.84
CA ARG B 72 -15.79 -16.15 23.97
C ARG B 72 -16.49 -14.85 24.31
N ASP B 73 -16.33 -14.32 25.52
CA ASP B 73 -16.92 -13.01 25.83
C ASP B 73 -16.07 -11.83 25.39
N VAL B 74 -14.81 -12.09 25.06
CA VAL B 74 -13.88 -11.02 24.66
C VAL B 74 -13.98 -10.75 23.16
N TYR B 75 -14.16 -9.49 22.80
CA TYR B 75 -14.14 -9.03 21.42
C TYR B 75 -12.97 -8.10 21.09
N PHE B 76 -12.36 -7.51 22.11
CA PHE B 76 -11.27 -6.54 21.93
C PHE B 76 -10.22 -6.83 22.96
N THR B 77 -8.98 -6.82 22.54
CA THR B 77 -7.85 -7.01 23.41
C THR B 77 -7.11 -5.68 23.37
N ILE B 78 -7.00 -5.04 24.54
CA ILE B 78 -6.49 -3.67 24.64
C ILE B 78 -5.19 -3.69 25.41
N ILE B 79 -4.13 -3.23 24.79
CA ILE B 79 -2.84 -3.19 25.42
C ILE B 79 -2.54 -1.76 25.85
N GLN B 80 -2.31 -1.60 27.16
CA GLN B 80 -2.02 -0.30 27.79
C GLN B 80 -0.75 -0.39 28.58
N SER B 81 -0.09 0.74 28.76
CA SER B 81 1.17 0.75 29.49
C SER B 81 1.11 1.85 30.59
N SER B 82 2.28 2.27 31.04
CA SER B 82 2.38 3.13 32.23
C SER B 82 3.58 4.04 32.09
N GLY B 83 3.47 5.22 32.69
CA GLY B 83 4.60 6.14 32.72
C GLY B 83 4.73 6.83 31.39
N ARG B 84 5.94 7.20 31.05
CA ARG B 84 6.22 8.03 29.91
C ARG B 84 6.56 7.26 28.63
N PHE B 85 6.91 5.99 28.78
CA PHE B 85 7.23 5.11 27.65
C PHE B 85 6.18 4.02 27.59
N PHE B 86 5.81 3.64 26.36
CA PHE B 86 5.03 2.41 26.20
C PHE B 86 5.93 1.26 26.58
N SER B 87 7.11 1.19 25.97
CA SER B 87 8.10 0.18 26.32
C SER B 87 9.39 0.48 25.61
N SER B 88 10.50 0.44 26.34
CA SER B 88 11.80 0.68 25.74
C SER B 88 12.35 -0.58 25.07
N GLY B 89 11.57 -1.64 25.03
CA GLY B 89 12.00 -2.80 24.26
C GLY B 89 12.57 -3.89 25.13
N ALA B 90 13.40 -4.71 24.53
CA ALA B 90 13.99 -5.83 25.23
C ALA B 90 14.90 -5.33 26.35
N ASP B 91 14.82 -5.99 27.48
CA ASP B 91 15.61 -5.61 28.65
C ASP B 91 17.06 -6.02 28.40
N PHE B 92 17.95 -5.03 28.29
CA PHE B 92 19.35 -5.29 27.97
C PHE B 92 20.10 -5.99 29.12
N LYS B 93 19.68 -5.76 30.36
CA LYS B 93 20.26 -6.47 31.52
C LYS B 93 19.98 -7.98 31.42
N GLY B 94 18.75 -8.31 31.05
CA GLY B 94 18.38 -9.70 30.79
C GLY B 94 19.17 -10.35 29.66
N ILE B 95 19.51 -9.55 28.64
CA ILE B 95 20.32 -10.05 27.51
C ILE B 95 21.75 -10.39 27.94
N ALA B 96 22.36 -9.49 28.73
CA ALA B 96 23.66 -9.73 29.39
C ALA B 96 23.60 -10.98 30.25
N LYS B 97 22.52 -11.11 31.02
CA LYS B 97 22.27 -12.30 31.83
C LYS B 97 22.32 -13.59 30.98
N ALA B 98 21.73 -13.55 29.78
CA ALA B 98 21.79 -14.67 28.82
C ALA B 98 23.15 -14.80 28.13
N LYS B 105 25.98 -24.69 30.09
CA LYS B 105 24.56 -25.01 29.88
C LYS B 105 24.14 -25.28 28.42
N TYR B 106 24.75 -24.54 27.47
CA TYR B 106 24.42 -24.74 26.07
C TYR B 106 25.63 -25.27 25.35
N PRO B 107 25.42 -26.30 24.53
CA PRO B 107 26.52 -26.89 23.77
C PRO B 107 27.18 -25.97 22.75
N SER B 108 26.51 -24.88 22.38
CA SER B 108 27.08 -23.94 21.39
C SER B 108 26.37 -22.61 21.52
N GLU B 109 26.99 -21.59 20.94
CA GLU B 109 26.39 -20.28 20.84
C GLU B 109 25.05 -20.41 20.10
N THR B 110 25.04 -21.18 19.01
CA THR B 110 23.82 -21.41 18.24
C THR B 110 22.72 -21.95 19.13
N SER B 111 22.99 -23.01 19.86
CA SER B 111 21.98 -23.59 20.73
C SER B 111 21.46 -22.58 21.72
N LYS B 112 22.38 -21.80 22.28
CA LYS B 112 21.98 -20.81 23.26
C LYS B 112 21.00 -19.80 22.66
N TRP B 113 21.33 -19.27 21.49
CA TRP B 113 20.50 -18.21 20.91
C TRP B 113 19.23 -18.75 20.32
N VAL B 114 19.23 -20.02 19.92
CA VAL B 114 17.99 -20.66 19.49
C VAL B 114 17.03 -20.63 20.66
N SER B 115 17.54 -21.00 21.82
CA SER B 115 16.68 -21.04 23.01
C SER B 115 16.33 -19.70 23.57
N ASN B 116 17.27 -18.78 23.57
CA ASN B 116 17.00 -17.50 24.20
C ASN B 116 16.28 -16.48 23.30
N PHE B 117 16.62 -16.44 22.02
CA PHE B 117 16.08 -15.40 21.16
C PHE B 117 15.04 -15.98 20.18
N VAL B 118 15.46 -17.02 19.43
CA VAL B 118 14.64 -17.57 18.37
C VAL B 118 13.26 -17.98 18.89
N ALA B 119 13.28 -18.71 19.98
CA ALA B 119 12.09 -19.31 20.53
C ALA B 119 11.11 -18.28 20.99
N ARG B 120 11.61 -17.38 21.82
CA ARG B 120 10.75 -16.36 22.34
C ARG B 120 10.16 -15.47 21.19
N ASN B 121 10.99 -15.02 20.24
CA ASN B 121 10.51 -14.11 19.19
C ASN B 121 9.47 -14.81 18.30
N VAL B 122 9.69 -16.07 17.93
CA VAL B 122 8.80 -16.73 17.02
C VAL B 122 7.47 -16.93 17.70
N TYR B 123 7.50 -17.16 19.03
CA TYR B 123 6.29 -17.44 19.77
C TYR B 123 5.43 -16.20 19.94
N VAL B 124 6.03 -15.10 20.44
CA VAL B 124 5.23 -13.94 20.75
C VAL B 124 4.72 -13.29 19.43
N THR B 125 5.56 -13.28 18.41
CA THR B 125 5.18 -12.66 17.13
C THR B 125 3.98 -13.43 16.56
N ASP B 126 4.05 -14.75 16.65
CA ASP B 126 2.94 -15.60 16.20
C ASP B 126 1.67 -15.33 16.95
N ALA B 127 1.78 -15.13 18.27
CA ALA B 127 0.57 -14.87 19.07
C ALA B 127 -0.14 -13.61 18.58
N PHE B 128 0.62 -12.55 18.30
CA PHE B 128 0.03 -11.31 17.77
C PHE B 128 -0.54 -11.51 16.34
N ILE B 129 0.23 -12.19 15.48
CA ILE B 129 -0.17 -12.36 14.03
C ILE B 129 -1.50 -13.07 13.94
N LYS B 130 -1.69 -14.13 14.72
CA LYS B 130 -2.91 -14.93 14.61
C LYS B 130 -4.09 -14.48 15.49
N HIS B 131 -3.86 -13.53 16.39
CA HIS B 131 -4.92 -13.16 17.34
C HIS B 131 -6.23 -12.78 16.64
N SER B 132 -7.36 -13.34 17.07
CA SER B 132 -8.63 -13.16 16.37
C SER B 132 -9.47 -12.01 16.88
N LYS B 133 -9.10 -11.49 18.06
CA LYS B 133 -9.86 -10.37 18.61
C LYS B 133 -9.25 -9.06 18.09
N VAL B 134 -10.02 -7.99 18.11
CA VAL B 134 -9.55 -6.69 17.68
C VAL B 134 -8.50 -6.21 18.68
N LEU B 135 -7.31 -5.98 18.18
CA LEU B 135 -6.18 -5.64 18.99
C LEU B 135 -5.90 -4.16 18.93
N ILE B 136 -5.97 -3.50 20.08
CA ILE B 136 -5.87 -2.07 20.16
C ILE B 136 -4.72 -1.70 21.08
N CYS B 137 -3.83 -0.85 20.59
CA CYS B 137 -2.70 -0.38 21.38
C CYS B 137 -2.97 1.06 21.86
N CYS B 138 -2.87 1.27 23.17
CA CYS B 138 -2.91 2.64 23.76
C CYS B 138 -1.49 3.12 23.95
N LEU B 139 -1.05 3.95 23.00
CA LEU B 139 0.35 4.26 22.93
C LEU B 139 0.60 5.52 23.82
N ASN B 140 1.09 5.27 25.05
CA ASN B 140 1.25 6.31 26.07
C ASN B 140 2.63 6.98 26.05
N GLY B 141 3.44 6.65 25.06
CA GLY B 141 4.81 7.13 24.93
C GLY B 141 5.53 6.27 23.90
N PRO B 142 6.82 6.46 23.76
CA PRO B 142 7.56 5.75 22.74
C PRO B 142 7.63 4.24 22.93
N ALA B 143 7.85 3.54 21.82
CA ALA B 143 8.12 2.11 21.85
C ALA B 143 9.32 1.82 20.98
N ILE B 144 10.08 0.84 21.40
CA ILE B 144 11.34 0.55 20.79
C ILE B 144 11.50 -0.94 20.55
N GLY B 145 12.19 -1.27 19.45
CA GLY B 145 12.61 -2.63 19.21
C GLY B 145 11.42 -3.58 19.10
N LEU B 146 11.52 -4.76 19.72
CA LEU B 146 10.51 -5.75 19.65
C LEU B 146 9.18 -5.22 20.16
N SER B 147 9.20 -4.34 21.15
CA SER B 147 7.95 -3.79 21.64
C SER B 147 7.28 -2.91 20.59
N ALA B 148 8.07 -2.13 19.88
CA ALA B 148 7.56 -1.33 18.80
C ALA B 148 7.04 -2.24 17.64
N ALA B 149 7.64 -3.42 17.44
CA ALA B 149 7.17 -4.37 16.42
C ALA B 149 5.76 -4.80 16.79
N LEU B 150 5.52 -5.02 18.09
CA LEU B 150 4.22 -5.46 18.52
C LEU B 150 3.15 -4.41 18.34
N VAL B 151 3.53 -3.16 18.53
CA VAL B 151 2.63 -2.07 18.29
C VAL B 151 2.18 -2.05 16.82
N ALA B 152 3.15 -2.25 15.92
CA ALA B 152 2.89 -2.31 14.49
C ALA B 152 2.04 -3.54 14.08
N LEU B 153 1.94 -4.57 14.92
CA LEU B 153 1.06 -5.68 14.67
C LEU B 153 -0.35 -5.48 15.17
N CYS B 154 -0.60 -4.43 15.94
CA CYS B 154 -1.94 -4.16 16.43
C CYS B 154 -2.80 -3.62 15.30
N ASP B 155 -4.12 -3.80 15.43
CA ASP B 155 -5.09 -3.40 14.41
C ASP B 155 -5.37 -1.93 14.44
N ILE B 156 -5.34 -1.35 15.65
CA ILE B 156 -5.70 0.07 15.87
C ILE B 156 -4.78 0.63 16.94
N VAL B 157 -4.31 1.85 16.73
CA VAL B 157 -3.40 2.50 17.67
C VAL B 157 -3.94 3.91 18.01
N TYR B 158 -4.03 4.19 19.31
CA TYR B 158 -4.39 5.53 19.78
C TYR B 158 -3.19 6.10 20.54
N SER B 159 -2.87 7.36 20.28
CA SER B 159 -1.72 8.00 20.91
C SER B 159 -2.13 9.00 22.03
N ILE B 160 -1.32 9.04 23.07
CA ILE B 160 -1.54 9.99 24.18
C ILE B 160 -1.30 11.44 23.73
N ASN B 161 -0.24 11.65 22.98
CA ASN B 161 0.07 12.97 22.46
C ASN B 161 1.09 12.88 21.32
N ASP B 162 1.43 14.03 20.76
CA ASP B 162 2.28 14.07 19.59
C ASP B 162 3.73 13.89 19.87
N LYS B 163 4.10 13.42 21.05
CA LYS B 163 5.49 13.11 21.33
C LYS B 163 5.82 11.63 21.19
N VAL B 164 4.82 10.79 20.91
CA VAL B 164 5.09 9.36 20.72
C VAL B 164 5.94 9.17 19.46
N TYR B 165 6.74 8.12 19.48
CA TYR B 165 7.45 7.68 18.29
C TYR B 165 7.70 6.19 18.41
N LEU B 166 8.07 5.58 17.29
CA LEU B 166 8.47 4.17 17.27
C LEU B 166 9.89 4.14 16.76
N LEU B 167 10.75 3.40 17.44
CA LEU B 167 12.13 3.28 16.98
C LEU B 167 12.53 1.82 16.82
N TYR B 168 13.16 1.52 15.70
CA TYR B 168 13.58 0.17 15.38
C TYR B 168 15.06 0.23 15.15
N PRO B 169 15.86 0.08 16.23
CA PRO B 169 17.28 0.42 16.16
C PRO B 169 18.16 -0.73 15.74
N PHE B 170 17.67 -1.54 14.80
CA PHE B 170 18.34 -2.79 14.50
C PHE B 170 19.74 -2.56 13.93
N ALA B 171 19.87 -1.53 13.11
CA ALA B 171 21.10 -1.27 12.45
C ALA B 171 22.19 -0.81 13.46
N ASN B 172 21.74 -0.13 14.50
CA ASN B 172 22.61 0.32 15.56
C ASN B 172 22.98 -0.81 16.51
N LEU B 173 22.12 -1.84 16.62
CA LEU B 173 22.38 -2.97 17.48
C LEU B 173 23.06 -4.14 16.82
N GLY B 174 23.34 -4.06 15.51
CA GLY B 174 23.86 -5.23 14.78
C GLY B 174 22.86 -6.37 14.61
N LEU B 175 21.59 -6.02 14.52
CA LEU B 175 20.50 -6.98 14.33
C LEU B 175 19.75 -6.71 12.99
N ILE B 176 18.61 -7.40 12.79
CA ILE B 176 17.79 -7.19 11.60
C ILE B 176 16.37 -7.07 12.04
N THR B 177 15.41 -7.06 11.10
CA THR B 177 14.01 -6.89 11.42
C THR B 177 13.52 -7.99 12.36
N GLU B 178 12.61 -7.62 13.25
CA GLU B 178 12.03 -8.52 14.23
C GLU B 178 10.55 -8.32 14.34
N GLY B 179 9.89 -9.30 14.90
CA GLY B 179 8.47 -9.16 15.23
C GLY B 179 7.55 -8.82 14.06
N GLY B 180 7.91 -9.30 12.87
CA GLY B 180 7.09 -9.11 11.69
C GLY B 180 7.24 -7.76 11.01
N THR B 181 8.20 -6.95 11.45
CA THR B 181 8.44 -5.64 10.90
C THR B 181 8.84 -5.69 9.45
N THR B 182 9.46 -6.77 8.99
CA THR B 182 9.75 -6.96 7.59
C THR B 182 8.49 -6.67 6.75
N VAL B 183 7.34 -7.07 7.28
CA VAL B 183 6.07 -6.90 6.59
C VAL B 183 5.30 -5.70 7.08
N SER B 184 5.19 -5.53 8.41
CA SER B 184 4.31 -4.50 8.96
C SER B 184 4.78 -3.05 8.63
N LEU B 185 6.07 -2.82 8.57
CA LEU B 185 6.51 -1.46 8.34
C LEU B 185 6.29 -0.97 6.89
N PRO B 186 6.72 -1.74 5.90
CA PRO B 186 6.32 -1.32 4.57
C PRO B 186 4.83 -1.24 4.39
N LEU B 187 4.08 -2.15 4.99
CA LEU B 187 2.66 -2.16 4.85
C LEU B 187 2.03 -0.91 5.46
N LYS B 188 2.53 -0.46 6.63
CA LYS B 188 1.85 0.58 7.35
C LYS B 188 2.49 1.95 7.19
N PHE B 189 3.73 1.98 6.69
CA PHE B 189 4.41 3.26 6.53
C PHE B 189 4.91 3.50 5.11
N GLY B 190 4.81 2.51 4.22
CA GLY B 190 5.39 2.57 2.90
C GLY B 190 6.80 2.07 2.86
N THR B 191 7.22 1.61 1.69
CA THR B 191 8.54 0.99 1.55
CA THR B 191 8.53 1.03 1.52
C THR B 191 9.65 2.04 1.68
N ASN B 192 9.55 3.16 0.96
CA ASN B 192 10.63 4.15 0.99
C ASN B 192 10.89 4.73 2.39
N THR B 193 9.83 5.10 3.09
CA THR B 193 9.95 5.60 4.42
C THR B 193 10.59 4.53 5.33
N THR B 194 10.18 3.28 5.16
CA THR B 194 10.73 2.16 5.92
C THR B 194 12.20 2.04 5.74
N TYR B 195 12.67 2.14 4.51
CA TYR B 195 14.08 2.05 4.27
C TYR B 195 14.84 3.21 4.97
N GLU B 196 14.34 4.42 4.89
CA GLU B 196 15.04 5.57 5.46
C GLU B 196 15.17 5.35 6.97
N CYS B 197 14.06 5.00 7.62
CA CYS B 197 14.09 4.77 9.05
C CYS B 197 14.93 3.55 9.48
N LEU B 198 14.80 2.41 8.81
CA LEU B 198 15.52 1.24 9.23
C LEU B 198 16.97 1.29 8.87
N MET B 199 17.29 1.71 7.65
CA MET B 199 18.68 1.69 7.25
C MET B 199 19.50 2.65 8.10
N PHE B 200 18.91 3.77 8.50
CA PHE B 200 19.68 4.81 9.17
C PHE B 200 19.34 4.94 10.65
N ASN B 201 18.59 3.98 11.19
CA ASN B 201 18.20 4.01 12.61
C ASN B 201 17.52 5.30 13.00
N LYS B 202 16.48 5.66 12.29
CA LYS B 202 15.72 6.85 12.58
C LYS B 202 14.30 6.48 13.01
N PRO B 203 13.73 7.25 13.94
CA PRO B 203 12.42 6.96 14.44
C PRO B 203 11.30 7.22 13.42
N PHE B 204 10.23 6.47 13.56
CA PHE B 204 8.98 6.79 12.90
C PHE B 204 8.28 7.71 13.89
N LYS B 205 8.29 8.99 13.59
CA LYS B 205 7.76 9.98 14.49
C LYS B 205 6.29 10.15 14.34
N TYR B 206 5.73 10.88 15.30
CA TYR B 206 4.34 11.21 15.29
C TYR B 206 3.85 11.67 13.93
N ASP B 207 4.54 12.61 13.29
CA ASP B 207 4.03 13.16 12.04
CA ASP B 207 4.09 13.15 12.02
C ASP B 207 3.88 12.05 10.97
N ILE B 208 4.88 11.19 10.85
CA ILE B 208 4.88 10.08 9.89
C ILE B 208 3.78 9.07 10.23
N MET B 209 3.57 8.82 11.52
CA MET B 209 2.48 7.95 11.94
C MET B 209 1.12 8.51 11.53
N CME B 210 0.91 9.82 11.72
CA CME B 210 -0.37 10.47 11.41
CB CME B 210 -0.56 11.91 12.00
SG CME B 210 -1.26 11.86 13.64
SD CME B 210 -3.23 11.37 13.48
CE CME B 210 -4.16 12.47 14.59
CZ CME B 210 -5.73 12.50 14.47
OH CME B 210 -6.47 12.60 15.76
C CME B 210 -0.56 10.55 9.94
O CME B 210 -1.64 10.27 9.45
N GLU B 211 0.47 10.89 9.18
CA GLU B 211 0.30 10.95 7.72
C GLU B 211 -0.01 9.56 7.07
N ASN B 212 0.35 8.45 7.70
CA ASN B 212 0.07 7.13 7.15
C ASN B 212 -1.18 6.50 7.74
N GLY B 213 -1.90 7.29 8.54
CA GLY B 213 -3.06 6.81 9.25
C GLY B 213 -2.73 5.71 10.22
N PHE B 214 -1.49 5.64 10.71
CA PHE B 214 -1.13 4.60 11.68
C PHE B 214 -1.84 4.81 13.02
N ILE B 215 -2.00 6.06 13.38
CA ILE B 215 -2.67 6.42 14.64
C ILE B 215 -4.07 6.81 14.25
N SER B 216 -5.06 6.19 14.86
CA SER B 216 -6.44 6.49 14.52
C SER B 216 -6.97 7.68 15.32
N LYS B 217 -6.44 7.94 16.51
CA LYS B 217 -6.80 9.16 17.23
C LYS B 217 -5.70 9.54 18.22
N ASN B 218 -5.35 10.82 18.17
CA ASN B 218 -4.42 11.41 19.14
C ASN B 218 -5.25 12.08 20.23
N PHE B 219 -5.04 11.67 21.48
CA PHE B 219 -5.87 12.17 22.57
C PHE B 219 -5.37 13.50 23.13
N ASN B 220 -4.13 13.84 22.82
CA ASN B 220 -3.54 15.11 23.20
C ASN B 220 -3.67 15.37 24.70
N MET B 221 -3.21 14.39 25.48
CA MET B 221 -3.17 14.48 26.91
C MET B 221 -1.73 14.55 27.36
N PRO B 222 -1.51 15.01 28.61
CA PRO B 222 -0.13 15.13 29.13
C PRO B 222 0.53 13.80 29.42
N SER B 223 1.82 13.70 29.12
CA SER B 223 2.61 12.48 29.28
C SER B 223 2.72 12.06 30.74
N SER B 224 2.39 12.98 31.63
CA SER B 224 2.48 12.72 33.05
C SER B 224 1.28 11.92 33.57
N ASN B 225 0.24 11.70 32.79
CA ASN B 225 -0.87 10.86 33.29
C ASN B 225 -1.37 9.80 32.30
N ALA B 226 -0.56 8.77 32.15
CA ALA B 226 -0.90 7.63 31.30
C ALA B 226 -2.22 7.01 31.77
N GLU B 227 -2.41 7.00 33.08
CA GLU B 227 -3.62 6.43 33.65
C GLU B 227 -4.86 7.10 33.17
N ALA B 228 -4.83 8.42 33.14
CA ALA B 228 -5.99 9.15 32.68
C ALA B 228 -6.25 8.87 31.19
N PHE B 229 -5.17 8.83 30.41
CA PHE B 229 -5.24 8.47 28.98
C PHE B 229 -5.86 7.09 28.83
N ASN B 230 -5.32 6.12 29.55
CA ASN B 230 -5.84 4.78 29.49
C ASN B 230 -7.31 4.71 29.78
N ALA B 231 -7.75 5.45 30.79
CA ALA B 231 -9.16 5.44 31.21
C ALA B 231 -10.04 6.11 30.18
N LYS B 232 -9.54 7.20 29.63
CA LYS B 232 -10.26 7.92 28.60
C LYS B 232 -10.47 7.06 27.32
N VAL B 233 -9.45 6.31 26.91
CA VAL B 233 -9.62 5.44 25.74
C VAL B 233 -10.69 4.41 26.03
N LEU B 234 -10.63 3.79 27.21
CA LEU B 234 -11.64 2.78 27.56
C LEU B 234 -13.04 3.34 27.59
N GLU B 235 -13.15 4.57 28.03
CA GLU B 235 -14.42 5.26 28.07
C GLU B 235 -14.96 5.48 26.65
N GLU B 236 -14.12 5.95 25.76
CA GLU B 236 -14.57 6.15 24.39
C GLU B 236 -14.92 4.83 23.71
N LEU B 237 -14.10 3.81 23.92
CA LEU B 237 -14.41 2.48 23.39
C LEU B 237 -15.78 1.97 23.84
N ARG B 238 -16.10 2.14 25.12
CA ARG B 238 -17.42 1.71 25.62
C ARG B 238 -18.52 2.41 24.88
N GLU B 239 -18.32 3.68 24.59
CA GLU B 239 -19.29 4.43 23.82
C GLU B 239 -19.38 3.93 22.36
N LYS B 240 -18.21 3.72 21.74
CA LYS B 240 -18.16 3.32 20.32
C LYS B 240 -18.75 1.96 20.02
N VAL B 241 -18.68 1.04 20.95
CA VAL B 241 -19.25 -0.29 20.69
C VAL B 241 -20.76 -0.39 20.84
N LYS B 242 -21.37 0.65 21.41
CA LYS B 242 -22.80 0.58 21.69
C LYS B 242 -23.57 0.43 20.40
N GLY B 243 -24.49 -0.51 20.38
CA GLY B 243 -25.31 -0.75 19.18
C GLY B 243 -24.68 -1.63 18.11
N LEU B 244 -23.36 -1.88 18.18
CA LEU B 244 -22.68 -2.73 17.20
C LEU B 244 -22.95 -4.19 17.48
N TYR B 245 -23.02 -4.99 16.43
CA TYR B 245 -23.09 -6.41 16.56
C TYR B 245 -21.68 -6.93 16.60
N LEU B 246 -21.21 -7.24 17.80
CA LEU B 246 -19.80 -7.50 17.98
C LEU B 246 -19.27 -8.70 17.18
N PRO B 247 -20.09 -9.74 16.95
CA PRO B 247 -19.55 -10.85 16.16
C PRO B 247 -19.19 -10.42 14.73
N SER B 248 -19.81 -9.35 14.24
CA SER B 248 -19.45 -8.77 12.96
C SER B 248 -18.02 -8.24 12.98
N CYS B 249 -17.61 -7.60 14.08
CA CYS B 249 -16.25 -7.12 14.22
C CYS B 249 -15.29 -8.26 13.99
N LEU B 250 -15.54 -9.39 14.63
CA LEU B 250 -14.65 -10.51 14.53
C LEU B 250 -14.68 -11.18 13.16
N GLY B 251 -15.87 -11.27 12.58
CA GLY B 251 -16.04 -11.85 11.27
C GLY B 251 -15.29 -11.03 10.25
N MET B 252 -15.42 -9.70 10.35
CA MET B 252 -14.67 -8.85 9.47
C MET B 252 -13.16 -9.01 9.69
N LYS B 253 -12.72 -9.06 10.93
CA LYS B 253 -11.27 -9.19 11.17
C LYS B 253 -10.74 -10.48 10.61
N LYS B 254 -11.53 -11.52 10.73
CA LYS B 254 -11.11 -12.81 10.22
C LYS B 254 -10.79 -12.73 8.72
N LEU B 255 -11.60 -12.01 7.96
CA LEU B 255 -11.32 -11.82 6.53
C LEU B 255 -10.16 -10.89 6.29
N LEU B 256 -10.11 -9.79 7.02
CA LEU B 256 -9.05 -8.80 6.83
C LEU B 256 -7.69 -9.38 7.08
N LYS B 257 -7.59 -10.24 8.12
CA LYS B 257 -6.35 -10.88 8.48
C LYS B 257 -5.79 -11.71 7.35
N SER B 258 -6.67 -12.30 6.56
CA SER B 258 -6.24 -13.19 5.48
C SER B 258 -5.54 -12.44 4.35
N ASN B 259 -5.60 -11.11 4.30
CA ASN B 259 -4.84 -10.38 3.27
C ASN B 259 -3.34 -10.60 3.42
N HIS B 260 -2.82 -10.66 4.64
CA HIS B 260 -1.37 -10.73 4.84
C HIS B 260 -0.88 -11.83 5.74
N ILE B 261 -1.74 -12.77 6.09
CA ILE B 261 -1.38 -13.76 7.10
C ILE B 261 -0.20 -14.59 6.61
N ASP B 262 -0.20 -14.97 5.35
CA ASP B 262 0.89 -15.78 4.83
C ASP B 262 2.23 -15.05 4.84
N ALA B 263 2.22 -13.79 4.44
CA ALA B 263 3.42 -12.97 4.48
C ALA B 263 3.96 -12.82 5.93
N PHE B 264 3.08 -12.63 6.90
CA PHE B 264 3.52 -12.51 8.27
C PHE B 264 4.10 -13.83 8.79
N ASN B 265 3.47 -14.96 8.47
CA ASN B 265 3.98 -16.23 8.95
C ASN B 265 5.32 -16.57 8.32
N LYS B 266 5.44 -16.29 7.03
CA LYS B 266 6.72 -16.50 6.35
C LYS B 266 7.79 -15.58 6.97
N ALA B 267 7.46 -14.31 7.22
CA ALA B 267 8.46 -13.38 7.74
C ALA B 267 8.93 -13.76 9.14
N ASN B 268 8.01 -14.29 9.95
CA ASN B 268 8.33 -14.64 11.31
C ASN B 268 9.44 -15.68 11.36
N SER B 269 9.27 -16.74 10.58
CA SER B 269 10.23 -17.81 10.49
C SER B 269 11.58 -17.33 9.99
N VAL B 270 11.57 -16.53 8.94
CA VAL B 270 12.79 -16.06 8.33
C VAL B 270 13.48 -15.02 9.22
N GLU B 271 12.73 -14.11 9.83
CA GLU B 271 13.33 -13.12 10.74
C GLU B 271 14.12 -13.76 11.90
N VAL B 272 13.49 -14.72 12.54
CA VAL B 272 14.02 -15.35 13.71
C VAL B 272 15.27 -16.20 13.37
N ASN B 273 15.23 -16.93 12.25
CA ASN B 273 16.38 -17.69 11.82
C ASN B 273 17.51 -16.85 11.26
N GLU B 274 17.20 -15.81 10.51
CA GLU B 274 18.28 -14.99 9.94
C GLU B 274 18.99 -14.12 10.98
N SER B 275 18.31 -13.72 12.06
CA SER B 275 18.92 -12.95 13.10
C SER B 275 19.99 -13.79 13.81
N LEU B 276 19.86 -15.11 13.80
CA LEU B 276 20.80 -15.97 14.52
C LEU B 276 22.22 -15.69 14.22
N LYS B 277 22.57 -15.54 12.95
CA LYS B 277 23.98 -15.34 12.62
C LYS B 277 24.50 -14.03 13.21
N TYR B 278 23.62 -13.09 13.51
CA TYR B 278 24.06 -11.80 14.08
C TYR B 278 24.39 -12.03 15.55
N TRP B 279 23.52 -12.74 16.26
CA TRP B 279 23.77 -13.08 17.65
C TRP B 279 25.01 -13.94 17.79
N VAL B 280 25.12 -14.94 16.94
CA VAL B 280 26.24 -15.86 17.00
C VAL B 280 27.55 -15.17 16.68
N ASP B 281 27.55 -14.28 15.68
CA ASP B 281 28.73 -13.47 15.41
C ASP B 281 29.20 -12.65 16.63
N GLY B 282 28.28 -12.24 17.50
CA GLY B 282 28.63 -11.50 18.70
C GLY B 282 28.40 -10.00 18.66
N GLU B 283 28.29 -9.43 17.46
CA GLU B 283 28.12 -7.96 17.35
C GLU B 283 27.06 -7.35 18.28
N PRO B 284 25.86 -7.96 18.35
CA PRO B 284 24.85 -7.30 19.17
C PRO B 284 25.20 -7.24 20.64
N LEU B 285 25.87 -8.28 21.12
CA LEU B 285 26.25 -8.35 22.54
C LEU B 285 27.23 -7.24 22.88
N LYS B 286 28.28 -7.10 22.05
CA LYS B 286 29.17 -5.93 22.13
C LYS B 286 28.40 -4.63 22.23
N ARG B 287 27.53 -4.40 21.26
CA ARG B 287 26.80 -3.15 21.20
C ARG B 287 25.79 -2.98 22.33
N PHE B 288 25.12 -4.06 22.72
CA PHE B 288 24.17 -4.02 23.84
C PHE B 288 24.89 -3.57 25.13
N ARG B 289 26.18 -3.90 25.25
CA ARG B 289 26.99 -3.34 26.34
C ARG B 289 27.06 -1.83 26.23
N GLN B 290 27.92 -1.31 25.34
CA GLN B 290 28.01 0.09 24.95
C GLN B 290 29.32 0.33 24.21
N GLU C 24 -27.53 -4.40 -26.73
CA GLU C 24 -28.99 -4.44 -26.35
C GLU C 24 -29.20 -5.18 -25.04
N ILE C 25 -30.06 -4.62 -24.20
CA ILE C 25 -30.30 -5.10 -22.85
C ILE C 25 -31.67 -4.56 -22.43
N ARG C 26 -32.33 -5.22 -21.48
N ARG C 26 -32.33 -5.22 -21.47
CA ARG C 26 -33.59 -4.70 -20.94
CA ARG C 26 -33.60 -4.72 -20.91
C ARG C 26 -33.38 -3.28 -20.41
C ARG C 26 -33.40 -3.30 -20.36
N GLN C 27 -34.49 -2.57 -20.25
CA GLN C 27 -34.48 -1.24 -19.68
C GLN C 27 -34.66 -1.37 -18.18
N ASN C 28 -34.17 -0.38 -17.46
CA ASN C 28 -34.29 -0.35 -16.01
C ASN C 28 -34.56 1.10 -15.69
N GLU C 29 -35.65 1.34 -14.99
CA GLU C 29 -36.10 2.71 -14.78
C GLU C 29 -35.17 3.41 -13.78
N LYS C 30 -34.39 2.66 -13.01
CA LYS C 30 -33.49 3.28 -12.01
C LYS C 30 -32.05 3.55 -12.52
N ILE C 31 -31.68 2.98 -13.67
CA ILE C 31 -30.33 3.05 -14.16
C ILE C 31 -30.35 3.09 -15.67
N SER C 32 -29.76 4.13 -16.24
CA SER C 32 -29.68 4.26 -17.69
C SER C 32 -28.23 4.18 -18.13
N TYR C 33 -28.02 4.05 -19.41
CA TYR C 33 -26.69 4.12 -19.94
C TYR C 33 -26.69 4.69 -21.30
N ARG C 34 -25.55 5.16 -21.72
CA ARG C 34 -25.35 5.58 -23.10
C ARG C 34 -23.88 5.55 -23.43
N ILE C 35 -23.55 5.63 -24.71
CA ILE C 35 -22.20 5.71 -25.17
C ILE C 35 -21.90 7.04 -25.91
N GLU C 36 -20.86 7.78 -25.49
CA GLU C 36 -20.41 9.00 -26.18
C GLU C 36 -18.92 8.75 -26.50
N GLY C 37 -18.64 8.49 -27.76
CA GLY C 37 -17.29 8.25 -28.21
C GLY C 37 -16.72 7.04 -27.48
N PRO C 38 -15.59 7.22 -26.78
CA PRO C 38 -14.95 6.07 -26.11
C PRO C 38 -15.47 5.85 -24.70
N PHE C 39 -16.49 6.61 -24.31
CA PHE C 39 -17.03 6.56 -22.96
C PHE C 39 -18.38 5.82 -22.92
N PHE C 40 -18.50 4.81 -22.05
CA PHE C 40 -19.75 4.13 -21.76
C PHE C 40 -20.16 4.66 -20.43
N ILE C 41 -21.30 5.33 -20.40
CA ILE C 41 -21.71 6.11 -19.26
C ILE C 41 -22.93 5.49 -18.64
N ILE C 42 -22.83 5.16 -17.36
CA ILE C 42 -23.89 4.55 -16.63
C ILE C 42 -24.37 5.59 -15.66
N HIS C 43 -25.70 5.71 -15.54
CA HIS C 43 -26.29 6.78 -14.73
C HIS C 43 -27.35 6.26 -13.80
N LEU C 44 -27.13 6.43 -12.51
CA LEU C 44 -28.11 6.03 -11.52
C LEU C 44 -29.09 7.21 -11.45
N ILE C 45 -30.37 6.93 -11.71
CA ILE C 45 -31.37 8.00 -11.96
C ILE C 45 -32.58 7.88 -11.08
N ASN C 46 -32.37 7.64 -9.79
CA ASN C 46 -33.45 7.53 -8.83
C ASN C 46 -33.15 8.33 -7.58
N PRO C 47 -32.99 9.65 -7.74
CA PRO C 47 -32.59 10.51 -6.64
C PRO C 47 -33.59 10.61 -5.51
N ASP C 48 -34.87 10.39 -5.78
CA ASP C 48 -35.86 10.50 -4.69
C ASP C 48 -35.69 9.42 -3.68
N ASN C 49 -35.12 8.29 -4.10
CA ASN C 49 -34.85 7.19 -3.16
CA ASN C 49 -34.86 7.22 -3.14
C ASN C 49 -33.35 7.07 -2.83
N LEU C 50 -32.60 8.15 -3.01
CA LEU C 50 -31.18 8.20 -2.78
C LEU C 50 -30.43 7.08 -3.54
N ASN C 51 -30.96 6.71 -4.69
CA ASN C 51 -30.39 5.70 -5.53
C ASN C 51 -30.07 4.41 -4.79
N ALA C 52 -30.95 4.06 -3.86
CA ALA C 52 -30.91 2.76 -3.19
C ALA C 52 -31.22 1.71 -4.21
N LEU C 53 -30.55 0.57 -4.12
CA LEU C 53 -30.61 -0.41 -5.19
C LEU C 53 -31.08 -1.77 -4.68
N GLU C 54 -31.98 -2.42 -5.41
CA GLU C 54 -32.39 -3.77 -5.06
C GLU C 54 -31.46 -4.76 -5.72
N GLY C 55 -31.57 -6.02 -5.32
CA GLY C 55 -30.74 -7.08 -5.86
C GLY C 55 -30.68 -7.07 -7.38
N GLU C 56 -31.83 -6.97 -8.02
CA GLU C 56 -31.88 -7.04 -9.44
C GLU C 56 -31.24 -5.81 -10.06
N ASP C 57 -31.19 -4.70 -9.34
CA ASP C 57 -30.51 -3.52 -9.82
C ASP C 57 -28.97 -3.72 -9.81
N TYR C 58 -28.47 -4.39 -8.79
CA TYR C 58 -27.02 -4.73 -8.75
C TYR C 58 -26.67 -5.68 -9.89
N ILE C 59 -27.56 -6.64 -10.14
CA ILE C 59 -27.35 -7.54 -11.27
C ILE C 59 -27.31 -6.77 -12.57
N TYR C 60 -28.27 -5.86 -12.71
CA TYR C 60 -28.32 -5.04 -13.87
C TYR C 60 -27.03 -4.23 -14.08
N LEU C 61 -26.52 -3.66 -13.01
CA LEU C 61 -25.21 -2.97 -13.08
C LEU C 61 -24.11 -3.87 -13.63
N GLY C 62 -24.06 -5.10 -13.12
CA GLY C 62 -23.12 -6.09 -13.62
C GLY C 62 -23.28 -6.34 -15.09
N GLU C 63 -24.53 -6.45 -15.53
CA GLU C 63 -24.77 -6.70 -16.96
C GLU C 63 -24.34 -5.52 -17.79
N LEU C 64 -24.55 -4.30 -17.28
CA LEU C 64 -24.09 -3.11 -18.03
C LEU C 64 -22.57 -3.09 -18.14
N LEU C 65 -21.88 -3.43 -17.05
CA LEU C 65 -20.40 -3.51 -17.13
C LEU C 65 -19.96 -4.51 -18.17
N GLU C 66 -20.66 -5.62 -18.26
CA GLU C 66 -20.29 -6.70 -19.18
C GLU C 66 -20.55 -6.30 -20.61
N LEU C 67 -21.60 -5.51 -20.83
CA LEU C 67 -21.86 -4.91 -22.11
C LEU C 67 -20.79 -3.91 -22.50
N ALA C 68 -20.46 -3.01 -21.60
CA ALA C 68 -19.37 -2.07 -21.89
C ALA C 68 -18.07 -2.80 -22.17
N ASP C 69 -17.84 -3.91 -21.46
CA ASP C 69 -16.58 -4.64 -21.59
C ASP C 69 -16.43 -5.27 -22.94
N ARG C 70 -17.56 -5.65 -23.55
CA ARG C 70 -17.54 -6.31 -24.88
C ARG C 70 -17.53 -5.32 -26.03
N ASN C 71 -17.71 -4.06 -25.76
CA ASN C 71 -17.75 -3.07 -26.83
C ASN C 71 -16.33 -2.53 -27.14
N ARG C 72 -15.82 -2.89 -28.30
CA ARG C 72 -14.49 -2.51 -28.71
C ARG C 72 -14.27 -1.01 -28.89
N ASP C 73 -15.31 -0.21 -29.02
CA ASP C 73 -15.14 1.25 -29.09
C ASP C 73 -15.06 1.91 -27.73
N VAL C 74 -15.39 1.18 -26.67
CA VAL C 74 -15.38 1.74 -25.32
C VAL C 74 -14.01 1.53 -24.68
N TYR C 75 -13.48 2.62 -24.11
CA TYR C 75 -12.24 2.58 -23.34
C TYR C 75 -12.39 2.96 -21.89
N PHE C 76 -13.48 3.64 -21.55
CA PHE C 76 -13.77 4.10 -20.23
C PHE C 76 -15.21 3.85 -19.90
N THR C 77 -15.48 3.36 -18.69
CA THR C 77 -16.79 3.11 -18.22
C THR C 77 -16.95 4.03 -17.04
N ILE C 78 -17.91 4.96 -17.18
CA ILE C 78 -18.06 6.06 -16.26
C ILE C 78 -19.36 5.87 -15.51
N ILE C 79 -19.29 5.80 -14.19
CA ILE C 79 -20.47 5.61 -13.36
C ILE C 79 -20.84 6.93 -12.68
N GLN C 80 -22.04 7.41 -13.00
CA GLN C 80 -22.54 8.68 -12.48
C GLN C 80 -23.87 8.44 -11.79
N SER C 81 -24.20 9.33 -10.87
CA SER C 81 -25.48 9.20 -10.16
C SER C 81 -26.23 10.56 -10.21
N SER C 82 -27.14 10.74 -9.27
CA SER C 82 -28.12 11.82 -9.32
C SER C 82 -28.50 12.25 -7.93
N GLY C 83 -28.81 13.54 -7.79
CA GLY C 83 -29.30 14.05 -6.50
C GLY C 83 -28.14 14.24 -5.55
N ARG C 84 -28.41 14.10 -4.27
CA ARG C 84 -27.46 14.39 -3.21
C ARG C 84 -26.65 13.19 -2.71
N PHE C 85 -27.10 11.98 -3.04
CA PHE C 85 -26.40 10.75 -2.70
C PHE C 85 -25.97 10.05 -3.96
N PHE C 86 -24.78 9.45 -3.92
CA PHE C 86 -24.39 8.53 -4.98
C PHE C 86 -25.32 7.35 -4.89
N SER C 87 -25.41 6.77 -3.72
CA SER C 87 -26.30 5.65 -3.47
C SER C 87 -26.29 5.32 -2.01
N SER C 88 -27.47 5.14 -1.43
CA SER C 88 -27.58 4.79 -0.03
C SER C 88 -27.45 3.29 0.17
N GLY C 89 -27.16 2.55 -0.88
CA GLY C 89 -26.84 1.14 -0.70
C GLY C 89 -28.02 0.24 -1.04
N ALA C 90 -28.01 -0.95 -0.47
CA ALA C 90 -29.04 -1.91 -0.74
C ALA C 90 -30.42 -1.40 -0.26
N ASP C 91 -31.43 -1.62 -1.06
CA ASP C 91 -32.77 -1.15 -0.73
C ASP C 91 -33.36 -2.02 0.38
N PHE C 92 -33.58 -1.43 1.55
CA PHE C 92 -34.02 -2.20 2.71
C PHE C 92 -35.48 -2.71 2.57
N LYS C 93 -36.31 -1.99 1.82
CA LYS C 93 -37.68 -2.46 1.53
C LYS C 93 -37.63 -3.75 0.73
N GLY C 94 -36.74 -3.80 -0.26
CA GLY C 94 -36.54 -5.00 -1.06
C GLY C 94 -36.04 -6.17 -0.24
N ILE C 95 -35.24 -5.87 0.77
CA ILE C 95 -34.69 -6.91 1.67
C ILE C 95 -35.83 -7.54 2.53
N ALA C 96 -36.70 -6.68 3.08
CA ALA C 96 -37.93 -7.09 3.79
C ALA C 96 -38.80 -7.93 2.86
N LYS C 97 -38.95 -7.48 1.62
CA LYS C 97 -39.68 -8.22 0.59
C LYS C 97 -39.12 -9.65 0.40
N ALA C 98 -37.80 -9.80 0.42
CA ALA C 98 -37.15 -11.13 0.37
C ALA C 98 -37.35 -12.02 1.64
N GLN C 99 -38.48 -11.85 2.34
CA GLN C 99 -38.80 -12.61 3.55
C GLN C 99 -40.27 -13.13 3.53
N GLY C 100 -40.62 -13.86 2.47
CA GLY C 100 -41.85 -14.63 2.42
C GLY C 100 -41.90 -15.56 1.21
N LYS C 105 -41.57 -20.78 -0.78
CA LYS C 105 -40.78 -20.54 -2.00
C LYS C 105 -39.34 -21.12 -1.96
N TYR C 106 -38.72 -21.13 -0.78
CA TYR C 106 -37.38 -21.73 -0.61
C TYR C 106 -37.43 -22.83 0.41
N PRO C 107 -36.72 -23.93 0.16
CA PRO C 107 -36.72 -25.06 1.10
C PRO C 107 -36.06 -24.76 2.46
N SER C 108 -35.25 -23.72 2.53
CA SER C 108 -34.57 -23.37 3.76
C SER C 108 -34.15 -21.91 3.71
N GLU C 109 -33.84 -21.37 4.88
CA GLU C 109 -33.27 -20.04 5.01
C GLU C 109 -31.97 -19.96 4.18
N THR C 110 -31.14 -21.00 4.29
CA THR C 110 -29.90 -21.07 3.52
C THR C 110 -30.18 -20.95 2.04
N SER C 111 -31.09 -21.75 1.50
CA SER C 111 -31.40 -21.68 0.09
C SER C 111 -31.85 -20.28 -0.30
N LYS C 112 -32.69 -19.68 0.55
CA LYS C 112 -33.21 -18.37 0.26
C LYS C 112 -32.08 -17.34 0.12
N TRP C 113 -31.16 -17.35 1.07
CA TRP C 113 -30.10 -16.35 1.10
C TRP C 113 -29.03 -16.62 0.05
N VAL C 114 -28.84 -17.88 -0.31
CA VAL C 114 -27.93 -18.21 -1.37
C VAL C 114 -28.47 -17.54 -2.63
N SER C 115 -29.75 -17.67 -2.87
CA SER C 115 -30.37 -17.05 -4.06
C SER C 115 -30.51 -15.54 -3.99
N ASN C 116 -30.85 -15.00 -2.84
CA ASN C 116 -31.11 -13.59 -2.77
C ASN C 116 -29.86 -12.74 -2.52
N PHE C 117 -28.93 -13.23 -1.71
CA PHE C 117 -27.77 -12.42 -1.36
C PHE C 117 -26.50 -12.93 -2.05
N VAL C 118 -26.18 -14.20 -1.82
CA VAL C 118 -24.93 -14.77 -2.29
C VAL C 118 -24.76 -14.53 -3.79
N ALA C 119 -25.80 -14.85 -4.54
CA ALA C 119 -25.76 -14.87 -5.99
C ALA C 119 -25.54 -13.49 -6.53
N ARG C 120 -26.37 -12.59 -6.10
CA ARG C 120 -26.27 -11.26 -6.55
C ARG C 120 -24.90 -10.60 -6.17
N ASN C 121 -24.43 -10.73 -4.91
CA ASN C 121 -23.18 -10.12 -4.50
C ASN C 121 -21.99 -10.70 -5.27
N VAL C 122 -21.94 -12.01 -5.49
CA VAL C 122 -20.76 -12.54 -6.14
C VAL C 122 -20.72 -12.08 -7.55
N TYR C 123 -21.90 -11.96 -8.17
CA TYR C 123 -21.97 -11.65 -9.58
C TYR C 123 -21.55 -10.21 -9.82
N VAL C 124 -22.13 -9.27 -9.09
CA VAL C 124 -21.83 -7.89 -9.36
C VAL C 124 -20.37 -7.55 -8.97
N THR C 125 -19.89 -8.12 -7.87
CA THR C 125 -18.54 -7.85 -7.43
C THR C 125 -17.57 -8.37 -8.49
N ASP C 126 -17.85 -9.57 -9.00
CA ASP C 126 -17.04 -10.13 -10.06
C ASP C 126 -17.00 -9.21 -11.29
N ALA C 127 -18.16 -8.69 -11.66
CA ALA C 127 -18.23 -7.85 -12.85
C ALA C 127 -17.29 -6.62 -12.73
N PHE C 128 -17.26 -5.99 -11.55
CA PHE C 128 -16.35 -4.90 -11.31
C PHE C 128 -14.88 -5.35 -11.28
N ILE C 129 -14.60 -6.43 -10.57
CA ILE C 129 -13.22 -6.90 -10.39
C ILE C 129 -12.57 -7.16 -11.74
N LYS C 130 -13.28 -7.82 -12.64
CA LYS C 130 -12.67 -8.22 -13.91
C LYS C 130 -12.77 -7.21 -15.04
N HIS C 131 -13.54 -6.16 -14.85
CA HIS C 131 -13.81 -5.20 -15.94
C HIS C 131 -12.50 -4.69 -16.57
N SER C 132 -12.38 -4.73 -17.90
CA SER C 132 -11.14 -4.39 -18.58
C SER C 132 -11.02 -2.92 -19.00
N LYS C 133 -12.13 -2.20 -18.93
CA LYS C 133 -12.11 -0.79 -19.31
C LYS C 133 -11.84 0.04 -18.06
N VAL C 134 -11.35 1.25 -18.25
CA VAL C 134 -11.01 2.11 -17.13
C VAL C 134 -12.29 2.55 -16.50
N LEU C 135 -12.43 2.27 -15.21
CA LEU C 135 -13.65 2.49 -14.51
C LEU C 135 -13.51 3.74 -13.67
N ILE C 136 -14.38 4.71 -13.90
CA ILE C 136 -14.34 5.99 -13.24
C ILE C 136 -15.65 6.22 -12.53
N CYS C 137 -15.56 6.57 -11.26
CA CYS C 137 -16.73 6.91 -10.49
C CYS C 137 -16.84 8.41 -10.31
N CYS C 138 -18.00 8.97 -10.67
CA CYS C 138 -18.31 10.38 -10.36
C CYS C 138 -19.10 10.45 -9.08
N LEU C 139 -18.43 10.79 -8.00
CA LEU C 139 -19.04 10.64 -6.71
C LEU C 139 -19.76 11.95 -6.35
N ASN C 140 -21.07 11.96 -6.52
CA ASN C 140 -21.90 13.17 -6.39
C ASN C 140 -22.46 13.37 -5.01
N GLY C 141 -22.08 12.51 -4.09
CA GLY C 141 -22.59 12.50 -2.75
C GLY C 141 -22.16 11.20 -2.09
N PRO C 142 -22.65 10.95 -0.89
CA PRO C 142 -22.23 9.78 -0.16
C PRO C 142 -22.64 8.47 -0.79
N ALA C 143 -21.88 7.42 -0.46
CA ALA C 143 -22.22 6.05 -0.84
C ALA C 143 -22.13 5.17 0.37
N ILE C 144 -22.98 4.19 0.43
CA ILE C 144 -23.12 3.34 1.58
C ILE C 144 -23.18 1.85 1.22
N GLY C 145 -22.60 1.00 2.07
CA GLY C 145 -22.78 -0.45 1.93
C GLY C 145 -22.21 -0.96 0.62
N LEU C 146 -22.96 -1.82 -0.05
CA LEU C 146 -22.48 -2.46 -1.24
C LEU C 146 -22.18 -1.43 -2.31
N SER C 147 -22.95 -0.35 -2.34
CA SER C 147 -22.69 0.70 -3.35
C SER C 147 -21.35 1.35 -3.09
N ALA C 148 -21.03 1.58 -1.84
CA ALA C 148 -19.73 2.12 -1.49
C ALA C 148 -18.59 1.11 -1.80
N ALA C 149 -18.87 -0.18 -1.71
CA ALA C 149 -17.87 -1.18 -2.11
C ALA C 149 -17.55 -1.02 -3.57
N LEU C 150 -18.57 -0.73 -4.37
CA LEU C 150 -18.37 -0.65 -5.80
C LEU C 150 -17.56 0.60 -6.16
N VAL C 151 -17.77 1.68 -5.42
CA VAL C 151 -16.96 2.85 -5.60
C VAL C 151 -15.48 2.53 -5.35
N ALA C 152 -15.22 1.79 -4.27
CA ALA C 152 -13.84 1.36 -3.91
C ALA C 152 -13.21 0.39 -4.92
N LEU C 153 -14.03 -0.24 -5.76
CA LEU C 153 -13.50 -1.06 -6.85
C LEU C 153 -13.22 -0.31 -8.15
N CYS C 154 -13.64 0.93 -8.22
CA CYS C 154 -13.35 1.72 -9.40
C CYS C 154 -11.87 2.12 -9.42
N ASP C 155 -11.36 2.38 -10.61
CA ASP C 155 -9.95 2.74 -10.81
C ASP C 155 -9.64 4.18 -10.44
N ILE C 156 -10.63 5.07 -10.65
CA ILE C 156 -10.46 6.50 -10.47
C ILE C 156 -11.76 7.06 -9.92
N VAL C 157 -11.67 7.96 -8.95
CA VAL C 157 -12.84 8.57 -8.35
C VAL C 157 -12.72 10.10 -8.34
N TYR C 158 -13.74 10.79 -8.83
CA TYR C 158 -13.80 12.26 -8.78
C TYR C 158 -14.97 12.63 -7.86
N SER C 159 -14.76 13.60 -6.97
CA SER C 159 -15.78 14.00 -6.03
C SER C 159 -16.40 15.36 -6.40
N ILE C 160 -17.68 15.49 -6.15
CA ILE C 160 -18.38 16.75 -6.40
C ILE C 160 -17.92 17.85 -5.45
N ASN C 161 -17.79 17.50 -4.18
CA ASN C 161 -17.34 18.45 -3.19
C ASN C 161 -16.89 17.72 -1.94
N ASP C 162 -16.44 18.47 -0.94
CA ASP C 162 -15.83 17.87 0.23
C ASP C 162 -16.80 17.36 1.23
N LYS C 163 -18.05 17.21 0.86
CA LYS C 163 -19.02 16.61 1.77
C LYS C 163 -19.27 15.12 1.47
N VAL C 164 -18.67 14.59 0.41
CA VAL C 164 -18.83 13.15 0.13
C VAL C 164 -18.18 12.34 1.24
N TYR C 165 -18.72 11.15 1.48
CA TYR C 165 -18.12 10.16 2.36
C TYR C 165 -18.55 8.76 1.91
N LEU C 166 -17.84 7.76 2.39
CA LEU C 166 -18.19 6.37 2.15
C LEU C 166 -18.46 5.76 3.49
N LEU C 167 -19.57 5.05 3.61
CA LEU C 167 -19.86 4.38 4.87
C LEU C 167 -20.10 2.90 4.63
N TYR C 168 -19.48 2.07 5.46
CA TYR C 168 -19.59 0.62 5.39
C TYR C 168 -20.13 0.14 6.72
N PRO C 169 -21.46 0.14 6.89
CA PRO C 169 -22.07 -0.03 8.20
C PRO C 169 -22.29 -1.48 8.59
N PHE C 170 -21.37 -2.36 8.22
CA PHE C 170 -21.59 -3.78 8.38
C PHE C 170 -21.74 -4.16 9.84
N ALA C 171 -20.98 -3.52 10.71
CA ALA C 171 -21.01 -3.88 12.12
C ALA C 171 -22.34 -3.47 12.76
N ASN C 172 -22.93 -2.41 12.25
CA ASN C 172 -24.23 -1.99 12.67
C ASN C 172 -25.37 -2.79 12.14
N LEU C 173 -25.17 -3.44 10.98
CA LEU C 173 -26.21 -4.24 10.37
C LEU C 173 -26.12 -5.72 10.69
N GLY C 174 -25.11 -6.12 11.46
CA GLY C 174 -24.90 -7.56 11.70
C GLY C 174 -24.40 -8.34 10.47
N LEU C 175 -23.60 -7.68 9.64
CA LEU C 175 -23.02 -8.27 8.44
C LEU C 175 -21.50 -8.20 8.50
N ILE C 176 -20.83 -8.56 7.40
CA ILE C 176 -19.38 -8.48 7.32
C ILE C 176 -19.03 -7.80 6.03
N THR C 177 -17.75 -7.80 5.65
CA THR C 177 -17.31 -7.10 4.46
C THR C 177 -18.01 -7.65 3.22
N GLU C 178 -18.29 -6.76 2.28
CA GLU C 178 -18.94 -7.10 1.01
C GLU C 178 -18.26 -6.43 -0.14
N GLY C 179 -18.52 -6.95 -1.32
CA GLY C 179 -18.08 -6.27 -2.55
C GLY C 179 -16.60 -6.05 -2.66
N GLY C 180 -15.83 -6.95 -2.09
CA GLY C 180 -14.38 -6.91 -2.19
C GLY C 180 -13.71 -5.94 -1.22
N THR C 181 -14.47 -5.38 -0.30
CA THR C 181 -13.94 -4.40 0.66
C THR C 181 -12.90 -5.01 1.57
N THR C 182 -12.96 -6.31 1.79
CA THR C 182 -11.91 -7.00 2.53
C THR C 182 -10.53 -6.60 1.95
N VAL C 183 -10.46 -6.48 0.63
CA VAL C 183 -9.22 -6.17 -0.02
C VAL C 183 -9.10 -4.68 -0.31
N SER C 184 -10.15 -4.09 -0.86
CA SER C 184 -10.04 -2.73 -1.40
C SER C 184 -9.80 -1.68 -0.30
N LEU C 185 -10.38 -1.89 0.86
CA LEU C 185 -10.24 -0.85 1.89
C LEU C 185 -8.84 -0.78 2.48
N PRO C 186 -8.28 -1.92 2.93
CA PRO C 186 -6.89 -1.83 3.34
C PRO C 186 -5.97 -1.36 2.22
N LEU C 187 -6.24 -1.78 0.99
CA LEU C 187 -5.42 -1.38 -0.13
C LEU C 187 -5.48 0.12 -0.39
N LYS C 188 -6.67 0.73 -0.28
CA LYS C 188 -6.81 2.13 -0.68
C LYS C 188 -6.81 3.10 0.48
N PHE C 189 -7.01 2.60 1.70
CA PHE C 189 -7.04 3.47 2.87
C PHE C 189 -6.06 3.12 3.97
N GLY C 190 -5.38 1.99 3.86
CA GLY C 190 -4.51 1.50 4.93
C GLY C 190 -5.25 0.59 5.87
N THR C 191 -4.52 -0.33 6.47
CA THR C 191 -5.10 -1.31 7.36
C THR C 191 -5.65 -0.72 8.64
N ASN C 192 -4.86 0.10 9.34
CA ASN C 192 -5.30 0.64 10.61
C ASN C 192 -6.56 1.51 10.47
N THR C 193 -6.56 2.38 9.47
CA THR C 193 -7.75 3.21 9.22
C THR C 193 -8.96 2.36 8.92
N THR C 194 -8.75 1.34 8.09
CA THR C 194 -9.85 0.41 7.75
C THR C 194 -10.43 -0.22 9.01
N TYR C 195 -9.57 -0.68 9.93
CA TYR C 195 -10.10 -1.28 11.17
C TYR C 195 -10.90 -0.28 11.99
N GLU C 196 -10.41 0.93 12.13
CA GLU C 196 -11.14 1.94 12.91
C GLU C 196 -12.52 2.16 12.30
N CYS C 197 -12.58 2.39 11.00
CA CYS C 197 -13.86 2.62 10.33
C CYS C 197 -14.82 1.42 10.33
N LEU C 198 -14.30 0.23 10.06
CA LEU C 198 -15.19 -0.93 9.95
C LEU C 198 -15.60 -1.45 11.30
N MET C 199 -14.67 -1.53 12.23
CA MET C 199 -14.98 -2.10 13.53
C MET C 199 -16.00 -1.24 14.28
N PHE C 200 -15.93 0.09 14.08
CA PHE C 200 -16.77 0.99 14.86
C PHE C 200 -17.83 1.69 14.04
N ASN C 201 -18.03 1.24 12.78
CA ASN C 201 -19.05 1.81 11.91
C ASN C 201 -18.87 3.30 11.75
N LYS C 202 -17.69 3.72 11.34
CA LYS C 202 -17.43 5.11 11.09
C LYS C 202 -17.15 5.35 9.62
N PRO C 203 -17.54 6.51 9.12
CA PRO C 203 -17.35 6.79 7.70
C PRO C 203 -15.91 7.06 7.32
N PHE C 204 -15.58 6.77 6.06
CA PHE C 204 -14.38 7.23 5.45
C PHE C 204 -14.74 8.58 4.84
N LYS C 205 -14.32 9.65 5.51
CA LYS C 205 -14.69 10.99 5.12
C LYS C 205 -13.81 11.56 4.07
N TYR C 206 -14.26 12.68 3.53
CA TYR C 206 -13.52 13.37 2.51
C TYR C 206 -12.03 13.51 2.84
N ASP C 207 -11.71 13.95 4.04
CA ASP C 207 -10.32 14.23 4.38
C ASP C 207 -9.45 12.96 4.26
N ILE C 208 -9.95 11.84 4.78
CA ILE C 208 -9.25 10.58 4.68
C ILE C 208 -9.14 10.08 3.25
N MET C 209 -10.17 10.32 2.45
CA MET C 209 -10.12 9.98 1.02
C MET C 209 -9.04 10.76 0.34
N CME C 210 -8.96 12.06 0.61
CA CME C 210 -7.96 12.94 -0.03
CB CME C 210 -8.16 14.49 0.15
SG CME C 210 -9.21 15.15 -1.12
SD CME C 210 -8.17 15.27 -2.86
CE CME C 210 -8.55 16.87 -3.64
CZ CME C 210 -7.70 17.32 -4.87
OH CME C 210 -8.42 18.04 -5.95
C CME C 210 -6.57 12.60 0.44
O CME C 210 -5.68 12.53 -0.34
N GLU C 211 -6.40 12.36 1.72
CA GLU C 211 -5.10 12.00 2.23
C GLU C 211 -4.55 10.69 1.64
N ASN C 212 -5.42 9.76 1.27
CA ASN C 212 -4.99 8.48 0.72
C ASN C 212 -4.95 8.48 -0.80
N GLY C 213 -5.18 9.66 -1.40
CA GLY C 213 -5.24 9.80 -2.83
C GLY C 213 -6.38 8.96 -3.43
N PHE C 214 -7.41 8.68 -2.66
CA PHE C 214 -8.55 7.94 -3.20
C PHE C 214 -9.33 8.77 -4.22
N ILE C 215 -9.40 10.06 -3.98
CA ILE C 215 -10.09 10.98 -4.89
C ILE C 215 -9.04 11.64 -5.70
N SER C 216 -9.15 11.56 -7.02
CA SER C 216 -8.15 12.16 -7.88
C SER C 216 -8.44 13.63 -8.15
N LYS C 217 -9.69 14.06 -8.09
CA LYS C 217 -9.99 15.49 -8.21
C LYS C 217 -11.30 15.79 -7.56
N ASN C 218 -11.28 16.83 -6.74
CA ASN C 218 -12.47 17.38 -6.14
C ASN C 218 -12.93 18.57 -7.00
N PHE C 219 -14.14 18.54 -7.51
CA PHE C 219 -14.62 19.56 -8.43
C PHE C 219 -15.17 20.78 -7.69
N ASN C 220 -15.44 20.62 -6.40
CA ASN C 220 -15.90 21.68 -5.56
C ASN C 220 -17.09 22.41 -6.20
N MET C 221 -18.13 21.65 -6.54
CA MET C 221 -19.39 22.16 -7.05
C MET C 221 -20.47 21.95 -6.01
N PRO C 222 -21.56 22.71 -6.11
CA PRO C 222 -22.67 22.54 -5.16
C PRO C 222 -23.40 21.19 -5.30
N SER C 223 -23.78 20.62 -4.16
CA SER C 223 -24.48 19.32 -4.09
C SER C 223 -25.83 19.31 -4.80
N SER C 224 -26.34 20.49 -5.08
CA SER C 224 -27.63 20.62 -5.69
C SER C 224 -27.55 20.45 -7.20
N ASN C 225 -26.36 20.36 -7.79
CA ASN C 225 -26.35 20.12 -9.24
C ASN C 225 -25.37 19.00 -9.66
N ALA C 226 -25.77 17.77 -9.34
CA ALA C 226 -25.05 16.57 -9.76
C ALA C 226 -24.90 16.59 -11.25
N GLU C 227 -25.94 17.08 -11.92
CA GLU C 227 -25.96 17.05 -13.34
C GLU C 227 -24.85 17.89 -13.96
N ALA C 228 -24.68 19.08 -13.40
CA ALA C 228 -23.62 19.95 -13.90
C ALA C 228 -22.24 19.32 -13.60
N PHE C 229 -22.10 18.73 -12.42
CA PHE C 229 -20.86 17.95 -12.03
C PHE C 229 -20.62 16.84 -13.04
N ASN C 230 -21.63 16.02 -13.30
CA ASN C 230 -21.50 14.94 -14.27
C ASN C 230 -21.05 15.40 -15.60
N ALA C 231 -21.63 16.51 -16.08
CA ALA C 231 -21.28 17.02 -17.37
C ALA C 231 -19.86 17.59 -17.39
N LYS C 232 -19.50 18.27 -16.33
CA LYS C 232 -18.15 18.84 -16.22
C LYS C 232 -17.04 17.75 -16.20
N VAL C 233 -17.29 16.64 -15.53
CA VAL C 233 -16.31 15.53 -15.57
C VAL C 233 -16.19 15.05 -16.99
N LEU C 234 -17.32 14.85 -17.67
CA LEU C 234 -17.22 14.36 -19.04
C LEU C 234 -16.49 15.31 -19.98
N GLU C 235 -16.70 16.59 -19.75
CA GLU C 235 -16.02 17.63 -20.51
C GLU C 235 -14.50 17.61 -20.28
N GLU C 236 -14.08 17.48 -19.03
CA GLU C 236 -12.64 17.34 -18.77
C GLU C 236 -12.06 16.07 -19.33
N LEU C 237 -12.79 14.95 -19.17
CA LEU C 237 -12.36 13.65 -19.76
C LEU C 237 -12.15 13.73 -21.26
N ARG C 238 -13.07 14.37 -21.97
CA ARG C 238 -12.88 14.56 -23.44
C ARG C 238 -11.60 15.31 -23.78
N GLU C 239 -11.29 16.31 -22.99
CA GLU C 239 -10.04 17.04 -23.18
C GLU C 239 -8.81 16.18 -22.82
N LYS C 240 -8.89 15.46 -21.69
CA LYS C 240 -7.74 14.65 -21.25
C LYS C 240 -7.36 13.53 -22.18
N VAL C 241 -8.32 12.94 -22.90
CA VAL C 241 -7.98 11.80 -23.76
C VAL C 241 -7.39 12.21 -25.07
N LYS C 242 -7.46 13.49 -25.40
CA LYS C 242 -6.98 13.92 -26.71
C LYS C 242 -5.51 13.64 -26.88
N GLY C 243 -5.14 13.06 -28.02
CA GLY C 243 -3.75 12.72 -28.26
C GLY C 243 -3.27 11.40 -27.64
N LEU C 244 -4.02 10.83 -26.69
CA LEU C 244 -3.61 9.54 -26.08
C LEU C 244 -3.87 8.41 -27.02
N TYR C 245 -3.04 7.39 -26.95
CA TYR C 245 -3.27 6.18 -27.65
C TYR C 245 -4.08 5.28 -26.73
N LEU C 246 -5.38 5.21 -26.99
CA LEU C 246 -6.28 4.61 -26.03
C LEU C 246 -6.04 3.11 -25.76
N PRO C 247 -5.59 2.37 -26.77
CA PRO C 247 -5.29 0.98 -26.46
C PRO C 247 -4.18 0.83 -25.38
N SER C 248 -3.32 1.84 -25.23
CA SER C 248 -2.33 1.85 -24.17
C SER C 248 -2.97 1.90 -22.81
N CYS C 249 -4.05 2.68 -22.67
CA CYS C 249 -4.80 2.73 -21.41
C CYS C 249 -5.23 1.32 -20.99
N LEU C 250 -5.78 0.57 -21.93
CA LEU C 250 -6.27 -0.76 -21.63
C LEU C 250 -5.16 -1.76 -21.40
N GLY C 251 -4.09 -1.63 -22.17
CA GLY C 251 -2.94 -2.50 -22.02
C GLY C 251 -2.32 -2.29 -20.64
N MET C 252 -2.18 -1.03 -20.24
CA MET C 252 -1.68 -0.74 -18.90
C MET C 252 -2.64 -1.27 -17.81
N LYS C 253 -3.94 -1.06 -17.97
CA LYS C 253 -4.87 -1.55 -16.95
C LYS C 253 -4.79 -3.09 -16.83
N LYS C 254 -4.65 -3.75 -17.95
CA LYS C 254 -4.55 -5.20 -17.93
C LYS C 254 -3.39 -5.66 -17.03
N LEU C 255 -2.24 -4.99 -17.10
CA LEU C 255 -1.13 -5.33 -16.23
C LEU C 255 -1.37 -4.89 -14.79
N LEU C 256 -1.91 -3.68 -14.60
CA LEU C 256 -2.18 -3.22 -13.26
C LEU C 256 -3.11 -4.11 -12.50
N LYS C 257 -4.17 -4.58 -13.17
CA LYS C 257 -5.19 -5.42 -12.56
C LYS C 257 -4.58 -6.68 -11.96
N SER C 258 -3.54 -7.17 -12.59
CA SER C 258 -2.91 -8.43 -12.19
C SER C 258 -2.23 -8.32 -10.84
N ASN C 259 -1.98 -7.12 -10.33
CA ASN C 259 -1.41 -7.01 -9.01
C ASN C 259 -2.30 -7.62 -7.93
N HIS C 260 -3.60 -7.45 -8.03
CA HIS C 260 -4.47 -7.87 -6.94
C HIS C 260 -5.63 -8.75 -7.35
N ILE C 261 -5.64 -9.20 -8.59
CA ILE C 261 -6.82 -9.92 -9.15
C ILE C 261 -7.13 -11.19 -8.34
N ASP C 262 -6.09 -11.93 -7.97
CA ASP C 262 -6.26 -13.14 -7.18
C ASP C 262 -6.84 -12.88 -5.81
N ALA C 263 -6.32 -11.87 -5.12
CA ALA C 263 -6.85 -11.49 -3.82
C ALA C 263 -8.30 -11.07 -3.91
N PHE C 264 -8.67 -10.30 -4.92
CA PHE C 264 -10.07 -9.94 -5.09
C PHE C 264 -10.98 -11.16 -5.35
N ASN C 265 -10.57 -12.06 -6.23
CA ASN C 265 -11.41 -13.20 -6.54
C ASN C 265 -11.56 -14.12 -5.32
N LYS C 266 -10.48 -14.32 -4.60
CA LYS C 266 -10.51 -15.09 -3.38
C LYS C 266 -11.44 -14.40 -2.37
N ALA C 267 -11.33 -13.08 -2.23
CA ALA C 267 -12.17 -12.38 -1.26
C ALA C 267 -13.64 -12.46 -1.61
N ASN C 268 -13.94 -12.43 -2.89
CA ASN C 268 -15.33 -12.37 -3.32
C ASN C 268 -16.04 -13.65 -2.85
N SER C 269 -15.40 -14.77 -3.11
CA SER C 269 -15.95 -16.07 -2.73
C SER C 269 -16.14 -16.20 -1.22
N VAL C 270 -15.13 -15.82 -0.46
CA VAL C 270 -15.23 -16.00 0.97
C VAL C 270 -16.18 -14.97 1.56
N GLU C 271 -16.19 -13.73 1.07
CA GLU C 271 -17.12 -12.75 1.59
C GLU C 271 -18.57 -13.23 1.48
N VAL C 272 -18.95 -13.68 0.31
CA VAL C 272 -20.36 -14.02 0.06
C VAL C 272 -20.76 -15.27 0.88
N ASN C 273 -19.87 -16.26 0.97
CA ASN C 273 -20.16 -17.46 1.76
C ASN C 273 -20.09 -17.27 3.24
N GLU C 274 -19.17 -16.45 3.73
CA GLU C 274 -19.12 -16.19 5.17
C GLU C 274 -20.27 -15.29 5.68
N SER C 275 -20.80 -14.45 4.82
CA SER C 275 -21.94 -13.61 5.18
C SER C 275 -23.24 -14.42 5.40
N LEU C 276 -23.33 -15.59 4.77
CA LEU C 276 -24.51 -16.42 4.90
C LEU C 276 -24.93 -16.72 6.28
N LYS C 277 -23.99 -17.10 7.15
CA LYS C 277 -24.36 -17.42 8.51
C LYS C 277 -24.98 -16.21 9.23
N TYR C 278 -24.66 -14.99 8.81
CA TYR C 278 -25.20 -13.81 9.46
C TYR C 278 -26.64 -13.69 9.02
N TRP C 279 -26.89 -13.85 7.74
CA TRP C 279 -28.28 -13.78 7.22
C TRP C 279 -29.13 -14.90 7.82
N VAL C 280 -28.59 -16.11 7.85
CA VAL C 280 -29.32 -17.27 8.35
C VAL C 280 -29.61 -17.14 9.83
N ASP C 281 -28.67 -16.62 10.59
CA ASP C 281 -28.91 -16.31 12.02
C ASP C 281 -30.06 -15.34 12.24
N GLY C 282 -30.30 -14.41 11.31
CA GLY C 282 -31.41 -13.49 11.39
C GLY C 282 -31.06 -12.07 11.86
N GLU C 283 -29.89 -11.89 12.48
CA GLU C 283 -29.54 -10.57 12.98
C GLU C 283 -29.74 -9.41 12.00
N PRO C 284 -29.32 -9.57 10.74
CA PRO C 284 -29.42 -8.39 9.85
C PRO C 284 -30.85 -8.00 9.54
N LEU C 285 -31.72 -8.99 9.46
CA LEU C 285 -33.13 -8.73 9.19
C LEU C 285 -33.77 -7.93 10.32
N LYS C 286 -33.57 -8.37 11.56
CA LYS C 286 -33.93 -7.57 12.73
C LYS C 286 -33.47 -6.14 12.59
N ARG C 287 -32.17 -5.96 12.41
CA ARG C 287 -31.58 -4.61 12.35
C ARG C 287 -32.01 -3.81 11.14
N PHE C 288 -32.16 -4.47 9.98
CA PHE C 288 -32.66 -3.78 8.78
C PHE C 288 -34.06 -3.20 9.05
N ARG C 289 -34.83 -3.86 9.91
CA ARG C 289 -36.11 -3.39 10.45
C ARG C 289 -35.90 -2.63 11.80
N GLN C 290 -35.38 -1.41 11.72
CA GLN C 290 -34.85 -0.68 12.93
C GLN C 290 -35.17 -1.39 14.26
S SO4 D . 16.64 27.68 -10.03
O1 SO4 D . 16.79 28.96 -9.30
O2 SO4 D . 15.91 27.79 -11.31
O3 SO4 D . 15.88 26.82 -9.08
O4 SO4 D . 18.04 27.25 -10.39
S SO4 E . -1.92 -2.41 -30.42
O1 SO4 E . -1.09 -1.20 -30.64
O2 SO4 E . -3.34 -2.08 -30.06
O3 SO4 E . -1.38 -3.27 -29.34
O4 SO4 E . -1.91 -3.20 -31.68
S SO4 F . 25.24 20.26 -12.99
O1 SO4 F . 23.92 20.83 -12.63
O2 SO4 F . 26.15 21.22 -12.34
O3 SO4 F . 25.53 20.18 -14.45
O4 SO4 F . 25.44 18.91 -12.50
S SO4 G . 28.92 17.82 -15.60
O1 SO4 G . 30.26 18.42 -15.31
O2 SO4 G . 27.82 18.75 -15.21
O3 SO4 G . 28.78 16.56 -14.85
O4 SO4 G . 28.83 17.53 -17.05
N1A CAA H . 16.04 12.08 -26.53
C2A CAA H . 16.87 12.78 -27.32
N3A CAA H . 17.21 14.06 -27.08
C4A CAA H . 16.73 14.72 -25.99
C5A CAA H . 15.83 13.99 -25.08
C6A CAA H . 15.48 12.59 -25.40
N6A CAA H . 14.65 11.90 -24.56
N7A CAA H . 15.51 14.83 -24.10
C8A CAA H . 16.14 16.00 -24.34
N9A CAA H . 16.86 15.93 -25.46
C1B CAA H . 17.65 17.07 -25.98
C2B CAA H . 16.71 18.00 -26.72
O2B CAA H . 16.33 17.49 -28.02
C3B CAA H . 17.58 19.25 -26.71
O3B CAA H . 18.57 19.11 -27.71
P3B CAA H . 18.69 20.15 -28.93
O7A CAA H . 19.96 19.71 -29.65
O8A CAA H . 17.43 19.94 -29.72
O9A CAA H . 18.76 21.49 -28.20
C4B CAA H . 18.28 19.27 -25.37
O4B CAA H . 18.26 17.90 -24.94
C5B CAA H . 17.60 20.21 -24.39
O5B CAA H . 16.26 19.75 -24.17
P1A CAA H . 14.93 20.58 -24.50
O1A CAA H . 14.37 20.00 -25.79
O2A CAA H . 15.30 22.03 -24.35
O3A CAA H . 13.86 20.15 -23.34
P2A CAA H . 12.93 21.10 -22.40
O4A CAA H . 13.71 21.50 -21.14
O5A CAA H . 12.35 22.18 -23.30
O6A CAA H . 11.65 20.18 -21.96
CBP CAA H . 10.72 17.91 -21.89
CCP CAA H . 11.77 18.88 -21.38
CDP CAA H . 9.35 18.61 -21.84
CEP CAA H . 10.63 16.72 -20.95
CAP CAA H . 11.06 17.49 -23.35
OAP CAA H . 12.47 17.52 -23.64
C9P CAA H . 10.63 16.09 -23.68
O9P CAA H . 9.43 15.89 -23.88
N8P CAA H . 11.59 15.15 -23.78
C7P CAA H . 11.29 13.78 -24.21
C6P CAA H . 10.57 12.98 -23.11
C5P CAA H . 9.14 12.52 -23.42
O5P CAA H . 8.92 11.36 -23.76
N4P CAA H . 8.12 13.35 -23.15
C3P CAA H . 6.80 12.80 -22.90
C2P CAA H . 5.66 12.93 -23.93
S1P CAA H . 4.17 13.38 -23.04
C1 CAA H . 4.49 14.98 -22.52
O1 CAA H . 5.64 15.38 -22.63
C2 CAA H . 3.58 16.11 -22.04
C3 CAA H . 2.56 16.18 -20.91
O3 CAA H . 2.52 15.53 -19.85
C4 CAA H . 1.55 17.27 -21.20
C1 GOL I . 10.37 6.40 -22.63
O1 GOL I . 11.47 6.92 -21.88
C2 GOL I . 10.57 4.85 -22.67
O2 GOL I . 10.13 4.33 -21.40
C3 GOL I . 9.74 4.20 -23.77
O3 GOL I . 10.33 2.99 -24.27
C1 GOL J . 14.02 -3.73 -3.90
O1 GOL J . 14.40 -4.53 -2.76
C2 GOL J . 12.78 -4.26 -4.65
O2 GOL J . 13.08 -5.25 -5.68
C3 GOL J . 11.90 -3.11 -5.15
O3 GOL J . 12.49 -2.22 -6.11
C1 GOL K . 28.26 12.74 -22.43
O1 GOL K . 28.46 13.59 -21.33
C2 GOL K . 28.03 13.72 -23.54
O2 GOL K . 29.31 14.39 -23.74
C3 GOL K . 27.53 12.99 -24.79
O3 GOL K . 28.74 12.72 -25.50
S SO4 L . 3.70 16.50 29.82
O1 SO4 L . 3.14 17.80 30.25
O2 SO4 L . 5.15 16.59 29.54
O3 SO4 L . 2.97 16.08 28.56
O4 SO4 L . 3.53 15.53 30.93
S SO4 M . 0.90 6.94 35.08
O1 SO4 M . 1.70 7.87 34.24
O2 SO4 M . 1.27 7.22 36.47
O3 SO4 M . -0.55 7.23 34.94
O4 SO4 M . 1.15 5.48 34.82
N1A CAA N . 16.49 -2.51 29.39
C2A CAA N . 16.81 -2.33 30.70
N3A CAA N . 16.64 -1.16 31.31
C4A CAA N . 16.14 -0.07 30.65
C5A CAA N . 15.78 -0.22 29.24
C6A CAA N . 15.98 -1.53 28.60
N6A CAA N . 15.65 -1.70 27.29
N7A CAA N . 15.31 0.98 28.82
C8A CAA N . 15.37 1.82 29.87
N9A CAA N . 15.85 1.20 30.96
C1B CAA N . 16.06 1.83 32.28
C2B CAA N . 17.18 2.86 32.16
O2B CAA N . 18.47 2.24 31.94
C3B CAA N . 16.99 3.52 33.52
O3B CAA N . 17.51 2.67 34.53
P3B CAA N . 18.66 3.07 35.58
O7A CAA N . 18.56 1.95 36.59
O8A CAA N . 19.91 3.08 34.74
O9A CAA N . 18.20 4.42 36.09
C4B CAA N . 15.47 3.59 33.70
O4B CAA N . 14.95 2.56 32.84
C5B CAA N . 14.91 4.97 33.36
O5B CAA N . 15.19 5.23 31.98
P1A CAA N . 15.90 6.57 31.45
O1A CAA N . 17.39 6.31 31.61
O2A CAA N . 15.17 7.69 32.16
O3A CAA N . 15.62 6.66 29.84
P2A CAA N . 15.54 7.99 28.88
O4A CAA N . 14.11 8.46 28.67
O5A CAA N . 16.55 9.01 29.35
O6A CAA N . 16.07 7.44 27.46
CBP CAA N . 16.03 5.81 25.66
CCP CAA N . 15.23 6.79 26.50
CDP CAA N . 16.98 6.59 24.77
CEP CAA N . 15.02 5.02 24.83
CAP CAA N . 16.80 4.84 26.58
OAP CAA N . 15.89 4.27 27.53
C9P CAA N . 17.48 3.70 25.85
O9P CAA N . 18.44 3.97 25.14
N8P CAA N . 17.01 2.46 26.01
C7P CAA N . 17.60 1.28 25.37
C6P CAA N . 16.88 0.86 24.08
C5P CAA N . 17.66 1.18 22.80
O5P CAA N . 18.21 0.29 22.18
N4P CAA N . 17.68 2.45 22.37
C3P CAA N . 18.22 2.80 21.08
C2P CAA N . 19.70 2.47 20.86
S1P CAA N . 20.21 3.02 19.27
C1 CAA N . 20.07 4.69 19.31
O1 CAA N . 18.96 5.16 19.07
C2 CAA N . 21.27 5.59 19.63
C3 CAA N . 21.44 6.69 18.58
O3 CAA N . 20.46 7.24 18.13
C4 CAA N . 22.81 7.11 18.12
C1 GOL O . 15.39 -4.62 21.00
O1 GOL O . 14.21 -4.21 21.73
C2 GOL O . 15.16 -6.06 20.51
O2 GOL O . 14.20 -6.00 19.46
C3 GOL O . 16.42 -6.75 19.98
O3 GOL O . 16.39 -8.17 20.20
C1 GOL P . -3.69 -8.93 11.93
O1 GOL P . -4.94 -9.59 11.63
C2 GOL P . -2.58 -9.35 10.97
O2 GOL P . -1.96 -10.63 11.29
C3 GOL P . -1.59 -8.19 10.84
O3 GOL P . -0.96 -7.81 12.07
S SO4 Q . -25.05 22.64 -1.65
O1 SO4 Q . -24.61 24.02 -1.33
O2 SO4 Q . -26.01 22.71 -2.78
O3 SO4 Q . -25.72 22.03 -0.46
O4 SO4 Q . -23.82 21.89 -2.01
S SO4 R . -29.40 15.85 -10.34
O1 SO4 R . -30.75 16.00 -10.92
O2 SO4 R . -28.73 17.19 -10.21
O3 SO4 R . -28.76 14.84 -11.19
O4 SO4 R . -29.44 15.27 -9.01
N1A CAA S . -33.43 1.65 1.26
C2A CAA S . -34.69 2.05 1.01
N3A CAA S . -35.04 3.35 0.93
C4A CAA S . -34.13 4.35 1.08
C5A CAA S . -32.73 3.98 1.34
C6A CAA S . -32.40 2.53 1.43
N6A CAA S . -31.13 2.12 1.66
N7A CAA S . -32.04 5.14 1.45
C8A CAA S . -32.93 6.15 1.27
N9A CAA S . -34.16 5.69 1.05
C1B CAA S . -35.36 6.56 0.86
C2B CAA S . -35.83 6.99 2.24
O2B CAA S . -36.60 5.97 2.89
C3B CAA S . -36.63 8.23 1.91
O3B CAA S . -37.92 7.83 1.47
P3B CAA S . -39.25 8.54 2.07
O7A CAA S . -40.33 7.61 1.58
O8A CAA S . -39.03 8.54 3.56
O9A CAA S . -39.22 9.90 1.42
C4B CAA S . -35.89 8.87 0.75
O4B CAA S . -35.14 7.80 0.16
C5B CAA S . -35.01 10.01 1.26
O5B CAA S . -34.30 9.44 2.36
P1A CAA S . -34.06 10.11 3.81
O1A CAA S . -33.95 9.00 4.85
O2A CAA S . -35.06 11.23 3.97
O3A CAA S . -32.56 10.68 3.55
P2A CAA S . -31.71 11.70 4.48
O4A CAA S . -30.58 12.26 3.65
O5A CAA S . -32.69 12.65 5.14
O6A CAA S . -31.08 10.77 5.64
CBP CAA S . -30.16 8.68 6.52
CCP CAA S . -30.18 9.71 5.38
CDP CAA S . -31.25 8.95 7.57
CEP CAA S . -28.83 8.74 7.26
CAP CAA S . -30.42 7.27 5.94
OAP CAA S . -31.65 7.27 5.21
C9P CAA S . -29.37 6.80 4.97
O9P CAA S . -28.65 7.61 4.41
N8P CAA S . -29.22 5.52 4.71
C7P CAA S . -29.99 4.43 5.29
C6P CAA S . -29.29 3.09 5.05
C5P CAA S . -28.15 2.78 6.02
O5P CAA S . -27.67 1.65 5.98
N4P CAA S . -27.71 3.72 6.88
C3P CAA S . -26.64 3.46 7.84
C2P CAA S . -26.81 2.16 8.63
S1P CAA S . -26.38 2.25 10.34
C1 CAA S . -25.31 3.51 10.54
O1 CAA S . -24.16 3.25 10.29
C2 CAA S . -25.71 4.90 11.03
C3 CAA S . -24.62 5.92 10.76
O3 CAA S . -23.50 5.76 11.25
C4 CAA S . -24.93 7.12 9.89
C1 GOL T . -25.87 -2.55 2.74
O1 GOL T . -26.08 -1.61 1.66
C2 GOL T . -25.56 -3.86 2.03
O2 GOL T . -24.20 -3.78 1.64
C3 GOL T . -25.83 -5.11 2.89
O3 GOL T . -26.11 -6.21 2.02
C1 GOL U . -9.68 -3.89 -8.45
O1 GOL U . -10.83 -3.05 -8.55
C2 GOL U . -9.14 -4.45 -9.78
O2 GOL U . -9.75 -5.74 -10.08
C3 GOL U . -9.19 -3.44 -10.94
O3 GOL U . -8.34 -3.75 -12.09
#